data_5NQV
#
_entry.id   5NQV
#
_cell.length_a   94.100
_cell.length_b   94.100
_cell.length_c   298.030
_cell.angle_alpha   90.00
_cell.angle_beta   90.00
_cell.angle_gamma   90.00
#
_symmetry.space_group_name_H-M   'P 43 21 2'
#
loop_
_entity.id
_entity.type
_entity.pdbx_description
1 polymer 'Protein TOPLESS'
2 polymer 'EAR motif of IAA27'
3 non-polymer 'L(+)-TARTARIC ACID'
4 non-polymer GLYCEROL
5 water water
#
loop_
_entity_poly.entity_id
_entity_poly.type
_entity_poly.pdbx_seq_one_letter_code
_entity_poly.pdbx_strand_id
1 'polypeptide(L)'
;MKHHHHHHPMSDYDIPTTENLYFQGAMGSLSRELVFLILQFLDEEKFKETVHKLEQESGFFFNMKYFEDEVHNGNWDEVE
KYLSGFTKVDDNRYSMKIFFEIRKQKYLEALDKHDRPKAVDILVKDLKVFSTFNEELFKEITQLLTLENFRENEQLSKYG
DTKSARAIMLVELKKLIEANPLFRDKLQFPTLRNSRLRTLINQSLNWQHQ
;
A,B,C,D
2 'polypeptide(L)' TELRLGLPGSE E,F,G,H
#
# COMPACT_ATOMS: atom_id res chain seq x y z
N ALA A 26 -11.79 43.29 -31.69
CA ALA A 26 -12.57 43.37 -30.47
C ALA A 26 -13.09 41.99 -30.03
N MET A 27 -12.63 41.53 -28.85
CA MET A 27 -12.98 40.23 -28.25
C MET A 27 -13.93 40.42 -27.04
N GLY A 28 -15.12 40.98 -27.30
CA GLY A 28 -16.14 41.27 -26.28
C GLY A 28 -15.67 42.30 -25.26
N SER A 29 -15.38 41.83 -24.04
CA SER A 29 -14.90 42.68 -22.93
C SER A 29 -13.40 42.97 -23.08
N LEU A 30 -12.92 43.98 -22.33
CA LEU A 30 -11.50 44.34 -22.31
C LEU A 30 -10.71 43.21 -21.61
N SER A 31 -11.29 42.60 -20.56
CA SER A 31 -10.65 41.49 -19.86
C SER A 31 -10.43 40.34 -20.80
N ARG A 32 -11.43 40.03 -21.65
CA ARG A 32 -11.34 38.91 -22.61
C ARG A 32 -10.31 39.20 -23.70
N GLU A 33 -10.31 40.42 -24.23
CA GLU A 33 -9.33 40.84 -25.24
C GLU A 33 -7.89 40.76 -24.65
N LEU A 34 -7.68 41.25 -23.40
CA LEU A 34 -6.40 41.17 -22.72
C LEU A 34 -5.93 39.73 -22.50
N VAL A 35 -6.85 38.84 -22.12
CA VAL A 35 -6.51 37.43 -21.95
C VAL A 35 -5.97 36.85 -23.26
N PHE A 36 -6.64 37.09 -24.41
CA PHE A 36 -6.17 36.61 -25.71
C PHE A 36 -4.77 37.18 -26.11
N LEU A 37 -4.52 38.48 -25.87
CA LEU A 37 -3.24 39.14 -26.14
C LEU A 37 -2.14 38.51 -25.26
N ILE A 38 -2.45 38.29 -23.97
CA ILE A 38 -1.52 37.66 -23.02
C ILE A 38 -1.24 36.22 -23.42
N LEU A 39 -2.25 35.47 -23.86
CA LEU A 39 -2.02 34.07 -24.30
C LEU A 39 -1.01 34.00 -25.42
N GLN A 40 -1.13 34.92 -26.41
CA GLN A 40 -0.17 34.97 -27.50
C GLN A 40 1.24 35.30 -27.00
N PHE A 41 1.35 36.31 -26.11
CA PHE A 41 2.63 36.71 -25.51
C PHE A 41 3.28 35.51 -24.78
N LEU A 42 2.50 34.83 -23.92
CA LEU A 42 3.00 33.68 -23.15
C LEU A 42 3.49 32.57 -24.08
N ASP A 43 2.74 32.30 -25.18
CA ASP A 43 3.15 31.30 -26.16
C ASP A 43 4.49 31.74 -26.86
N GLU A 44 4.62 33.03 -27.27
CA GLU A 44 5.86 33.47 -27.91
C GLU A 44 7.09 33.40 -26.96
N GLU A 45 6.87 33.66 -25.66
CA GLU A 45 7.92 33.60 -24.63
C GLU A 45 8.15 32.16 -24.17
N LYS A 46 7.32 31.22 -24.64
CA LYS A 46 7.41 29.77 -24.33
C LYS A 46 7.16 29.49 -22.85
N PHE A 47 6.21 30.24 -22.25
CA PHE A 47 5.80 29.98 -20.86
C PHE A 47 4.59 29.06 -21.01
N LYS A 48 4.85 27.78 -21.38
CA LYS A 48 3.83 26.77 -21.75
C LYS A 48 2.85 26.40 -20.67
N GLU A 49 3.32 26.17 -19.45
CA GLU A 49 2.41 25.85 -18.36
C GLU A 49 1.55 27.06 -18.01
N THR A 50 2.13 28.28 -18.08
CA THR A 50 1.36 29.51 -17.84
C THR A 50 0.23 29.66 -18.84
N VAL A 51 0.49 29.40 -20.15
CA VAL A 51 -0.56 29.47 -21.19
C VAL A 51 -1.80 28.66 -20.72
N HIS A 52 -1.59 27.38 -20.33
CA HIS A 52 -2.73 26.52 -20.00
C HIS A 52 -3.36 26.83 -18.66
N LYS A 53 -2.61 27.37 -17.67
CA LYS A 53 -3.26 27.85 -16.45
C LYS A 53 -4.18 29.04 -16.75
N LEU A 54 -3.73 29.97 -17.62
CA LEU A 54 -4.55 31.13 -18.01
C LEU A 54 -5.81 30.75 -18.78
N GLU A 55 -5.69 29.79 -19.72
CA GLU A 55 -6.85 29.28 -20.47
C GLU A 55 -7.87 28.73 -19.46
N GLN A 56 -7.41 27.90 -18.54
CA GLN A 56 -8.20 27.26 -17.50
C GLN A 56 -8.88 28.26 -16.53
N GLU A 57 -8.10 29.16 -15.93
CA GLU A 57 -8.61 30.12 -14.94
C GLU A 57 -9.47 31.19 -15.56
N SER A 58 -9.15 31.62 -16.77
CA SER A 58 -10.01 32.62 -17.37
C SER A 58 -11.27 31.95 -17.95
N GLY A 59 -11.11 30.72 -18.42
CA GLY A 59 -12.14 29.97 -19.11
C GLY A 59 -12.49 30.56 -20.46
N PHE A 60 -11.62 31.41 -21.03
CA PHE A 60 -11.96 32.06 -22.30
C PHE A 60 -11.64 31.25 -23.51
N PHE A 61 -10.62 30.39 -23.42
CA PHE A 61 -10.20 29.60 -24.56
C PHE A 61 -9.89 28.19 -24.15
N PHE A 62 -10.49 27.19 -24.82
CA PHE A 62 -10.23 25.78 -24.57
C PHE A 62 -9.29 25.30 -25.66
N ASN A 63 -8.09 24.85 -25.28
CA ASN A 63 -7.04 24.43 -26.19
C ASN A 63 -7.23 22.92 -26.47
N MET A 64 -7.88 22.58 -27.59
CA MET A 64 -8.17 21.18 -27.95
C MET A 64 -6.88 20.37 -28.11
N LYS A 65 -5.85 20.97 -28.74
CA LYS A 65 -4.55 20.32 -28.96
C LYS A 65 -3.92 19.94 -27.63
N TYR A 66 -3.93 20.87 -26.63
CA TYR A 66 -3.41 20.58 -25.30
C TYR A 66 -4.21 19.44 -24.64
N PHE A 67 -5.56 19.56 -24.64
CA PHE A 67 -6.44 18.56 -24.05
C PHE A 67 -6.20 17.18 -24.67
N GLU A 68 -6.08 17.09 -26.02
CA GLU A 68 -5.85 15.83 -26.72
C GLU A 68 -4.52 15.19 -26.26
N ASP A 69 -3.47 16.02 -26.06
CA ASP A 69 -2.15 15.53 -25.65
C ASP A 69 -2.16 14.98 -24.21
N GLU A 70 -2.85 15.67 -23.28
CA GLU A 70 -2.97 15.26 -21.88
C GLU A 70 -3.75 13.94 -21.77
N VAL A 71 -4.81 13.79 -22.58
CA VAL A 71 -5.63 12.56 -22.65
C VAL A 71 -4.78 11.41 -23.23
N HIS A 72 -4.08 11.67 -24.35
CA HIS A 72 -3.22 10.69 -25.01
C HIS A 72 -2.22 10.11 -24.02
N ASN A 73 -1.72 10.97 -23.13
CA ASN A 73 -0.74 10.60 -22.11
C ASN A 73 -1.33 10.11 -20.80
N GLY A 74 -2.67 10.07 -20.70
CA GLY A 74 -3.35 9.58 -19.49
C GLY A 74 -3.07 10.39 -18.25
N ASN A 75 -2.88 11.71 -18.42
CA ASN A 75 -2.60 12.62 -17.31
C ASN A 75 -3.95 13.05 -16.75
N TRP A 76 -4.68 12.10 -16.13
CA TRP A 76 -6.06 12.30 -15.70
C TRP A 76 -6.29 13.44 -14.70
N ASP A 77 -5.39 13.66 -13.72
CA ASP A 77 -5.56 14.78 -12.80
C ASP A 77 -5.56 16.13 -13.53
N GLU A 78 -4.61 16.32 -14.46
CA GLU A 78 -4.51 17.54 -15.28
C GLU A 78 -5.71 17.66 -16.23
N VAL A 79 -6.12 16.56 -16.86
CA VAL A 79 -7.26 16.55 -17.77
C VAL A 79 -8.50 17.12 -17.04
N GLU A 80 -8.78 16.62 -15.82
CA GLU A 80 -9.95 17.08 -15.06
C GLU A 80 -9.78 18.47 -14.51
N LYS A 81 -8.58 18.84 -14.04
CA LYS A 81 -8.32 20.21 -13.54
C LYS A 81 -8.49 21.23 -14.67
N TYR A 82 -7.95 20.94 -15.86
CA TYR A 82 -8.10 21.81 -17.02
C TYR A 82 -9.58 21.95 -17.41
N LEU A 83 -10.33 20.82 -17.53
CA LEU A 83 -11.75 20.84 -17.87
C LEU A 83 -12.56 21.62 -16.86
N SER A 84 -12.19 21.52 -15.57
CA SER A 84 -12.92 22.21 -14.49
C SER A 84 -12.93 23.73 -14.61
N GLY A 85 -12.03 24.28 -15.43
CA GLY A 85 -12.05 25.73 -15.67
C GLY A 85 -13.19 26.12 -16.61
N PHE A 86 -13.80 25.13 -17.25
CA PHE A 86 -14.83 25.35 -18.27
C PHE A 86 -16.20 24.78 -17.93
N THR A 87 -16.23 23.67 -17.17
CA THR A 87 -17.49 23.01 -16.89
C THR A 87 -17.43 22.10 -15.66
N LYS A 88 -18.61 21.76 -15.11
CA LYS A 88 -18.71 20.82 -13.99
C LYS A 88 -19.48 19.60 -14.50
N VAL A 89 -19.32 18.43 -13.85
CA VAL A 89 -19.95 17.17 -14.28
C VAL A 89 -21.48 17.31 -14.50
N ASP A 90 -22.16 18.14 -13.68
CA ASP A 90 -23.63 18.27 -13.74
C ASP A 90 -24.15 19.49 -14.52
N ASP A 91 -23.30 20.13 -15.33
CA ASP A 91 -23.77 21.30 -16.08
C ASP A 91 -24.79 20.96 -17.14
N ASN A 92 -24.59 19.84 -17.86
CA ASN A 92 -25.46 19.43 -18.96
C ASN A 92 -25.11 18.02 -19.37
N ARG A 93 -25.87 17.43 -20.32
CA ARG A 93 -25.64 16.02 -20.69
C ARG A 93 -24.24 15.76 -21.31
N TYR A 94 -23.68 16.75 -22.00
CA TYR A 94 -22.37 16.62 -22.63
C TYR A 94 -21.27 16.57 -21.58
N SER A 95 -21.28 17.55 -20.64
CA SER A 95 -20.33 17.60 -19.53
C SER A 95 -20.41 16.30 -18.73
N MET A 96 -21.63 15.83 -18.43
CA MET A 96 -21.82 14.57 -17.70
C MET A 96 -21.11 13.38 -18.43
N LYS A 97 -21.34 13.22 -19.75
CA LYS A 97 -20.73 12.13 -20.53
C LYS A 97 -19.23 12.30 -20.67
N ILE A 98 -18.72 13.54 -20.76
CA ILE A 98 -17.26 13.77 -20.87
C ILE A 98 -16.56 13.20 -19.61
N PHE A 99 -16.96 13.65 -18.40
CA PHE A 99 -16.34 13.14 -17.16
C PHE A 99 -16.62 11.66 -17.00
N PHE A 100 -17.82 11.21 -17.35
CA PHE A 100 -18.09 9.76 -17.28
C PHE A 100 -17.14 8.92 -18.13
N GLU A 101 -16.93 9.30 -19.41
CA GLU A 101 -16.08 8.50 -20.29
C GLU A 101 -14.64 8.47 -19.81
N ILE A 102 -14.13 9.60 -19.32
CA ILE A 102 -12.75 9.72 -18.80
C ILE A 102 -12.59 8.85 -17.55
N ARG A 103 -13.54 8.92 -16.63
CA ARG A 103 -13.45 8.15 -15.38
C ARG A 103 -13.60 6.65 -15.61
N LYS A 104 -14.44 6.27 -16.58
CA LYS A 104 -14.61 4.87 -16.96
C LYS A 104 -13.27 4.34 -17.54
N GLN A 105 -12.63 5.13 -18.43
CA GLN A 105 -11.34 4.74 -19.02
C GLN A 105 -10.26 4.51 -17.95
N LYS A 106 -10.17 5.43 -16.99
CA LYS A 106 -9.21 5.38 -15.88
C LYS A 106 -9.44 4.11 -15.05
N TYR A 107 -10.72 3.76 -14.81
CA TYR A 107 -11.08 2.54 -14.09
C TYR A 107 -10.69 1.27 -14.89
N LEU A 108 -11.02 1.22 -16.21
CA LEU A 108 -10.70 0.05 -17.05
C LEU A 108 -9.18 -0.15 -17.17
N GLU A 109 -8.41 0.95 -17.19
CA GLU A 109 -6.95 0.89 -17.23
C GLU A 109 -6.38 0.25 -15.93
N ALA A 110 -6.94 0.59 -14.77
CA ALA A 110 -6.56 0.03 -13.47
C ALA A 110 -6.89 -1.47 -13.42
N LEU A 111 -8.06 -1.88 -13.96
CA LEU A 111 -8.40 -3.30 -14.04
C LEU A 111 -7.46 -4.02 -15.01
N ASP A 112 -7.09 -3.35 -16.12
CA ASP A 112 -6.20 -3.93 -17.12
C ASP A 112 -4.77 -4.15 -16.57
N LYS A 113 -4.31 -3.28 -15.66
CA LYS A 113 -3.00 -3.40 -15.02
C LYS A 113 -3.07 -4.37 -13.81
N HIS A 114 -4.23 -5.04 -13.62
CA HIS A 114 -4.54 -5.92 -12.49
C HIS A 114 -4.41 -5.21 -11.13
N ASP A 115 -4.71 -3.91 -11.09
CA ASP A 115 -4.62 -3.13 -9.88
C ASP A 115 -6.03 -2.88 -9.29
N ARG A 116 -6.59 -3.90 -8.62
CA ARG A 116 -7.93 -3.83 -8.01
C ARG A 116 -8.05 -2.78 -6.89
N PRO A 117 -7.08 -2.57 -5.97
CA PRO A 117 -7.21 -1.47 -4.99
C PRO A 117 -7.37 -0.10 -5.66
N LYS A 118 -6.63 0.16 -6.74
CA LYS A 118 -6.72 1.43 -7.46
C LYS A 118 -8.09 1.55 -8.16
N ALA A 119 -8.57 0.45 -8.79
CA ALA A 119 -9.85 0.45 -9.47
C ALA A 119 -10.99 0.75 -8.46
N VAL A 120 -10.93 0.14 -7.25
CA VAL A 120 -11.96 0.42 -6.23
C VAL A 120 -11.90 1.91 -5.84
N ASP A 121 -10.67 2.48 -5.69
CA ASP A 121 -10.53 3.89 -5.33
C ASP A 121 -11.16 4.83 -6.41
N ILE A 122 -10.98 4.48 -7.70
CA ILE A 122 -11.57 5.25 -8.82
C ILE A 122 -13.11 5.09 -8.80
N LEU A 123 -13.58 3.85 -8.61
CA LEU A 123 -14.99 3.54 -8.53
C LEU A 123 -15.72 4.37 -7.47
N VAL A 124 -15.16 4.38 -6.26
CA VAL A 124 -15.73 5.09 -5.13
C VAL A 124 -15.55 6.60 -5.25
N LYS A 125 -14.35 7.09 -5.58
CA LYS A 125 -14.13 8.53 -5.64
C LYS A 125 -14.64 9.25 -6.91
N ASP A 126 -14.56 8.60 -8.07
CA ASP A 126 -14.89 9.26 -9.33
C ASP A 126 -16.15 8.79 -10.01
N LEU A 127 -16.47 7.48 -9.92
CA LEU A 127 -17.62 6.94 -10.64
C LEU A 127 -18.91 6.93 -9.84
N LYS A 128 -18.83 6.95 -8.50
CA LYS A 128 -20.01 6.89 -7.64
C LYS A 128 -21.08 7.94 -7.94
N VAL A 129 -20.66 9.15 -8.31
CA VAL A 129 -21.58 10.25 -8.63
C VAL A 129 -22.60 9.82 -9.71
N PHE A 130 -22.18 8.98 -10.66
CA PHE A 130 -23.03 8.50 -11.76
C PHE A 130 -24.09 7.51 -11.29
N SER A 131 -23.94 6.91 -10.09
CA SER A 131 -25.00 6.02 -9.56
C SER A 131 -26.29 6.82 -9.27
N THR A 132 -26.17 8.15 -9.05
CA THR A 132 -27.34 9.02 -8.80
C THR A 132 -28.16 9.21 -10.11
N PHE A 133 -27.55 8.94 -11.27
CA PHE A 133 -28.22 9.01 -12.58
C PHE A 133 -28.74 7.64 -12.99
N ASN A 134 -27.89 6.61 -12.86
CA ASN A 134 -28.24 5.24 -13.22
C ASN A 134 -27.58 4.26 -12.24
N GLU A 135 -28.32 3.86 -11.21
CA GLU A 135 -27.81 2.98 -10.18
C GLU A 135 -27.45 1.60 -10.75
N GLU A 136 -28.28 1.05 -11.66
CA GLU A 136 -27.97 -0.26 -12.25
C GLU A 136 -26.66 -0.29 -13.07
N LEU A 137 -26.37 0.81 -13.79
CA LEU A 137 -25.14 0.91 -14.59
C LEU A 137 -23.94 0.92 -13.63
N PHE A 138 -24.02 1.66 -12.50
CA PHE A 138 -22.95 1.72 -11.50
C PHE A 138 -22.67 0.32 -10.91
N LYS A 139 -23.73 -0.48 -10.68
CA LYS A 139 -23.62 -1.85 -10.19
C LYS A 139 -22.90 -2.71 -11.24
N GLU A 140 -23.24 -2.56 -12.52
CA GLU A 140 -22.61 -3.31 -13.60
C GLU A 140 -21.13 -2.97 -13.70
N ILE A 141 -20.76 -1.66 -13.59
CA ILE A 141 -19.37 -1.21 -13.63
C ILE A 141 -18.63 -1.79 -12.43
N THR A 142 -19.25 -1.74 -11.23
CA THR A 142 -18.65 -2.32 -10.02
C THR A 142 -18.36 -3.83 -10.21
N GLN A 143 -19.27 -4.58 -10.85
CA GLN A 143 -19.15 -6.04 -11.02
C GLN A 143 -17.96 -6.43 -11.91
N LEU A 144 -17.41 -5.47 -12.69
CA LEU A 144 -16.24 -5.76 -13.52
C LEU A 144 -15.01 -6.04 -12.66
N LEU A 145 -15.02 -5.57 -11.41
CA LEU A 145 -13.91 -5.79 -10.47
C LEU A 145 -13.60 -7.27 -10.30
N THR A 146 -14.62 -8.11 -10.28
CA THR A 146 -14.46 -9.54 -9.97
C THR A 146 -14.20 -10.43 -11.20
N LEU A 147 -14.20 -9.85 -12.41
CA LEU A 147 -13.94 -10.65 -13.61
C LEU A 147 -12.44 -10.86 -13.72
N GLU A 148 -11.99 -11.98 -14.34
CA GLU A 148 -10.56 -12.21 -14.56
C GLU A 148 -10.08 -11.25 -15.62
N ASN A 149 -10.96 -10.94 -16.57
CA ASN A 149 -10.72 -9.96 -17.63
C ASN A 149 -12.07 -9.25 -17.87
N PHE A 150 -12.12 -7.91 -17.78
CA PHE A 150 -13.35 -7.13 -17.98
C PHE A 150 -13.96 -7.33 -19.38
N ARG A 151 -13.13 -7.78 -20.36
CA ARG A 151 -13.54 -8.07 -21.73
C ARG A 151 -14.54 -9.24 -21.81
N GLU A 152 -14.75 -9.97 -20.68
CA GLU A 152 -15.73 -11.04 -20.57
C GLU A 152 -17.12 -10.42 -20.59
N ASN A 153 -17.21 -9.11 -20.24
CA ASN A 153 -18.48 -8.39 -20.31
C ASN A 153 -18.69 -8.12 -21.81
N GLU A 154 -19.85 -8.50 -22.36
CA GLU A 154 -20.12 -8.37 -23.80
C GLU A 154 -19.99 -6.92 -24.29
N GLN A 155 -20.37 -5.95 -23.47
CA GLN A 155 -20.24 -4.51 -23.85
C GLN A 155 -18.79 -4.04 -24.03
N LEU A 156 -17.83 -4.76 -23.41
CA LEU A 156 -16.42 -4.40 -23.45
C LEU A 156 -15.51 -5.39 -24.19
N SER A 157 -16.08 -6.43 -24.81
CA SER A 157 -15.30 -7.48 -25.48
C SER A 157 -14.34 -6.96 -26.56
N LYS A 158 -14.68 -5.83 -27.23
CA LYS A 158 -13.84 -5.27 -28.30
C LYS A 158 -12.79 -4.25 -27.78
N TYR A 159 -12.67 -4.07 -26.46
CA TYR A 159 -11.64 -3.16 -25.92
C TYR A 159 -10.26 -3.78 -26.27
N GLY A 160 -9.43 -3.02 -26.97
CA GLY A 160 -8.11 -3.45 -27.40
C GLY A 160 -7.09 -3.34 -26.30
N ASP A 161 -6.29 -2.26 -26.32
CA ASP A 161 -5.29 -1.99 -25.28
C ASP A 161 -5.40 -0.54 -24.91
N THR A 162 -4.55 -0.06 -23.97
CA THR A 162 -4.56 1.33 -23.51
C THR A 162 -4.52 2.33 -24.68
N LYS A 163 -3.58 2.13 -25.63
CA LYS A 163 -3.40 3.03 -26.78
C LYS A 163 -4.68 3.11 -27.63
N SER A 164 -5.23 1.96 -28.07
CA SER A 164 -6.43 1.96 -28.91
C SER A 164 -7.66 2.57 -28.19
N ALA A 165 -7.84 2.24 -26.91
CA ALA A 165 -8.96 2.71 -26.09
C ALA A 165 -8.91 4.23 -25.85
N ARG A 166 -7.72 4.79 -25.55
CA ARG A 166 -7.60 6.23 -25.34
C ARG A 166 -7.90 6.98 -26.65
N ALA A 167 -7.46 6.42 -27.80
CA ALA A 167 -7.71 7.07 -29.10
C ALA A 167 -9.21 7.04 -29.43
N ILE A 168 -9.90 5.95 -29.14
CA ILE A 168 -11.34 5.81 -29.41
C ILE A 168 -12.14 6.73 -28.48
N MET A 169 -11.74 6.79 -27.22
CA MET A 169 -12.37 7.68 -26.25
C MET A 169 -12.17 9.14 -26.66
N LEU A 170 -10.96 9.52 -27.09
CA LEU A 170 -10.67 10.88 -27.53
C LEU A 170 -11.55 11.35 -28.72
N VAL A 171 -11.85 10.46 -29.65
CA VAL A 171 -12.72 10.75 -30.80
C VAL A 171 -14.11 11.17 -30.27
N GLU A 172 -14.61 10.44 -29.25
CA GLU A 172 -15.91 10.74 -28.65
C GLU A 172 -15.83 12.03 -27.82
N LEU A 173 -14.76 12.21 -27.02
CA LEU A 173 -14.63 13.42 -26.21
C LEU A 173 -14.63 14.70 -27.05
N LYS A 174 -13.97 14.69 -28.21
CA LYS A 174 -13.94 15.87 -29.11
C LYS A 174 -15.34 16.22 -29.60
N LYS A 175 -16.15 15.20 -29.98
CA LYS A 175 -17.53 15.38 -30.42
C LYS A 175 -18.39 15.98 -29.31
N LEU A 176 -18.20 15.49 -28.08
CA LEU A 176 -18.98 15.97 -26.94
C LEU A 176 -18.62 17.41 -26.61
N ILE A 177 -17.32 17.74 -26.66
CA ILE A 177 -16.88 19.13 -26.38
C ILE A 177 -17.40 20.09 -27.49
N GLU A 178 -17.26 19.69 -28.77
CA GLU A 178 -17.69 20.52 -29.91
C GLU A 178 -19.21 20.74 -29.95
N ALA A 179 -20.00 19.83 -29.36
CA ALA A 179 -21.46 19.97 -29.31
C ALA A 179 -21.93 20.62 -28.01
N ASN A 180 -21.03 20.72 -27.00
CA ASN A 180 -21.35 21.30 -25.69
C ASN A 180 -21.54 22.83 -25.80
N PRO A 181 -22.76 23.35 -25.48
CA PRO A 181 -23.01 24.81 -25.62
C PRO A 181 -22.09 25.68 -24.76
N LEU A 182 -21.57 25.10 -23.66
CA LEU A 182 -20.64 25.80 -22.77
C LEU A 182 -19.30 26.09 -23.43
N PHE A 183 -18.98 25.39 -24.52
CA PHE A 183 -17.72 25.62 -25.25
C PHE A 183 -17.93 26.50 -26.50
N ARG A 184 -19.09 27.23 -26.61
CA ARG A 184 -19.39 28.14 -27.73
C ARG A 184 -18.49 29.37 -27.60
N ASP A 185 -17.80 29.74 -28.69
CA ASP A 185 -16.86 30.87 -28.70
C ASP A 185 -15.59 30.59 -27.90
N LYS A 186 -15.37 29.33 -27.48
CA LYS A 186 -14.16 29.01 -26.72
C LYS A 186 -13.21 28.11 -27.51
N LEU A 187 -13.58 27.76 -28.76
CA LEU A 187 -12.79 26.83 -29.55
C LEU A 187 -12.00 27.47 -30.71
N GLN A 188 -12.12 28.77 -30.88
CA GLN A 188 -11.38 29.43 -31.95
C GLN A 188 -10.51 30.55 -31.39
N PHE A 189 -9.19 30.43 -31.57
CA PHE A 189 -8.25 31.47 -31.14
C PHE A 189 -8.33 32.58 -32.20
N PRO A 190 -8.40 33.88 -31.79
CA PRO A 190 -8.49 34.93 -32.80
C PRO A 190 -7.22 35.09 -33.62
N THR A 191 -7.42 35.60 -34.83
CA THR A 191 -6.35 35.91 -35.76
C THR A 191 -5.74 37.22 -35.27
N LEU A 192 -4.47 37.13 -34.87
CA LEU A 192 -3.72 38.28 -34.38
C LEU A 192 -2.40 38.32 -35.09
N ARG A 193 -1.88 39.53 -35.31
CA ARG A 193 -0.55 39.75 -35.86
C ARG A 193 0.41 39.31 -34.75
N ASN A 194 1.63 38.87 -35.09
CA ASN A 194 2.60 38.41 -34.08
C ASN A 194 2.94 39.51 -33.08
N SER A 195 3.10 39.14 -31.77
CA SER A 195 3.51 40.06 -30.71
C SER A 195 2.57 41.29 -30.59
N ARG A 196 1.26 41.05 -30.63
CA ARG A 196 0.23 42.12 -30.61
C ARG A 196 0.32 42.93 -29.30
N LEU A 197 0.39 42.24 -28.15
CA LEU A 197 0.51 42.92 -26.85
C LEU A 197 1.73 43.86 -26.82
N ARG A 198 2.91 43.32 -27.22
CA ARG A 198 4.17 44.03 -27.26
C ARG A 198 4.07 45.28 -28.18
N THR A 199 3.43 45.14 -29.36
CA THR A 199 3.23 46.27 -30.27
C THR A 199 2.34 47.35 -29.61
N LEU A 200 1.21 46.94 -29.01
CA LEU A 200 0.27 47.88 -28.38
C LEU A 200 0.90 48.65 -27.24
N ILE A 201 1.73 47.97 -26.41
CA ILE A 201 2.46 48.61 -25.31
C ILE A 201 3.50 49.59 -25.86
N ASN A 202 4.22 49.22 -26.93
CA ASN A 202 5.19 50.14 -27.55
C ASN A 202 4.48 51.39 -28.09
N GLN A 203 3.24 51.23 -28.55
CA GLN A 203 2.45 52.37 -29.03
C GLN A 203 1.91 53.24 -27.89
N SER A 204 1.66 52.66 -26.71
CA SER A 204 1.07 53.36 -25.55
C SER A 204 1.90 54.51 -24.99
N LEU A 205 3.24 54.44 -25.14
CA LEU A 205 4.15 55.48 -24.64
C LEU A 205 5.04 56.01 -25.76
N GLY B 28 -13.69 -48.22 18.66
CA GLY B 28 -13.58 -49.16 17.56
C GLY B 28 -12.17 -49.67 17.33
N SER B 29 -11.41 -48.99 16.41
CA SER B 29 -10.04 -49.39 16.09
C SER B 29 -9.04 -48.99 17.17
N LEU B 30 -7.88 -49.67 17.19
CA LEU B 30 -6.78 -49.40 18.11
C LEU B 30 -6.23 -47.99 17.86
N SER B 31 -6.12 -47.57 16.58
CA SER B 31 -5.66 -46.24 16.17
C SER B 31 -6.52 -45.14 16.80
N ARG B 32 -7.86 -45.28 16.74
CA ARG B 32 -8.80 -44.32 17.32
C ARG B 32 -8.66 -44.29 18.84
N GLU B 33 -8.58 -45.47 19.48
CA GLU B 33 -8.42 -45.57 20.93
C GLU B 33 -7.12 -44.86 21.36
N LEU B 34 -6.02 -45.12 20.64
CA LEU B 34 -4.70 -44.55 20.89
C LEU B 34 -4.70 -43.04 20.70
N VAL B 35 -5.43 -42.53 19.69
CA VAL B 35 -5.52 -41.09 19.45
C VAL B 35 -6.18 -40.42 20.68
N PHE B 36 -7.28 -40.99 21.22
CA PHE B 36 -7.92 -40.42 22.43
C PHE B 36 -7.02 -40.44 23.67
N LEU B 37 -6.24 -41.51 23.84
CA LEU B 37 -5.29 -41.62 24.97
C LEU B 37 -4.14 -40.61 24.78
N ILE B 38 -3.71 -40.42 23.52
CA ILE B 38 -2.64 -39.46 23.23
C ILE B 38 -3.15 -38.04 23.47
N LEU B 39 -4.37 -37.72 22.98
CA LEU B 39 -5.02 -36.43 23.20
C LEU B 39 -5.06 -36.09 24.68
N GLN B 40 -5.39 -37.07 25.54
CA GLN B 40 -5.41 -36.81 26.98
C GLN B 40 -4.02 -36.49 27.52
N PHE B 41 -3.01 -37.29 27.15
CA PHE B 41 -1.62 -37.06 27.56
C PHE B 41 -1.16 -35.68 27.11
N LEU B 42 -1.46 -35.29 25.85
CA LEU B 42 -1.02 -34.00 25.32
C LEU B 42 -1.61 -32.83 26.10
N ASP B 43 -2.91 -32.93 26.46
CA ASP B 43 -3.64 -31.90 27.22
C ASP B 43 -3.04 -31.78 28.64
N GLU B 44 -2.79 -32.93 29.28
CA GLU B 44 -2.15 -32.96 30.60
C GLU B 44 -0.74 -32.33 30.59
N GLU B 45 0.02 -32.50 29.49
CA GLU B 45 1.37 -31.93 29.34
C GLU B 45 1.31 -30.45 28.87
N LYS B 46 0.09 -29.97 28.51
CA LYS B 46 -0.20 -28.64 27.99
C LYS B 46 0.48 -28.37 26.64
N PHE B 47 0.61 -29.42 25.80
CA PHE B 47 1.14 -29.25 24.43
C PHE B 47 -0.09 -28.94 23.59
N LYS B 48 -0.61 -27.71 23.75
CA LYS B 48 -1.88 -27.25 23.16
C LYS B 48 -1.92 -27.28 21.66
N GLU B 49 -0.86 -26.80 20.98
CA GLU B 49 -0.89 -26.81 19.51
C GLU B 49 -0.89 -28.25 19.02
N THR B 50 -0.14 -29.14 19.71
CA THR B 50 -0.12 -30.57 19.36
C THR B 50 -1.51 -31.20 19.50
N VAL B 51 -2.23 -30.89 20.59
CA VAL B 51 -3.59 -31.39 20.79
C VAL B 51 -4.43 -31.12 19.54
N HIS B 52 -4.53 -29.85 19.12
CA HIS B 52 -5.44 -29.47 18.03
C HIS B 52 -4.99 -29.97 16.65
N LYS B 53 -3.68 -30.10 16.44
CA LYS B 53 -3.14 -30.60 15.18
C LYS B 53 -3.50 -32.11 15.06
N LEU B 54 -3.51 -32.84 16.20
CA LEU B 54 -3.88 -34.25 16.25
C LEU B 54 -5.38 -34.43 16.03
N GLU B 55 -6.20 -33.57 16.66
CA GLU B 55 -7.66 -33.62 16.41
C GLU B 55 -7.91 -33.46 14.92
N GLN B 56 -7.28 -32.45 14.33
CA GLN B 56 -7.41 -32.09 12.91
C GLN B 56 -6.89 -33.19 11.96
N GLU B 57 -5.67 -33.68 12.18
CA GLU B 57 -5.10 -34.68 11.27
C GLU B 57 -5.74 -36.05 11.40
N SER B 58 -6.11 -36.47 12.62
CA SER B 58 -6.77 -37.75 12.80
C SER B 58 -8.24 -37.66 12.37
N GLY B 59 -8.84 -36.47 12.52
CA GLY B 59 -10.25 -36.24 12.23
C GLY B 59 -11.15 -36.98 13.20
N PHE B 60 -10.63 -37.51 14.33
CA PHE B 60 -11.46 -38.29 15.26
C PHE B 60 -12.28 -37.47 16.24
N PHE B 61 -11.86 -36.23 16.52
CA PHE B 61 -12.55 -35.44 17.52
C PHE B 61 -12.53 -34.01 17.11
N PHE B 62 -13.70 -33.37 17.05
CA PHE B 62 -13.77 -31.96 16.73
C PHE B 62 -13.98 -31.26 18.08
N ASN B 63 -13.02 -30.41 18.44
CA ASN B 63 -13.03 -29.70 19.72
C ASN B 63 -13.78 -28.38 19.54
N MET B 64 -15.05 -28.33 20.00
CA MET B 64 -15.92 -27.13 19.88
C MET B 64 -15.40 -25.95 20.70
N LYS B 65 -14.91 -26.19 21.93
CA LYS B 65 -14.37 -25.13 22.79
C LYS B 65 -13.20 -24.41 22.09
N TYR B 66 -12.30 -25.19 21.47
CA TYR B 66 -11.19 -24.65 20.68
C TYR B 66 -11.71 -23.82 19.47
N PHE B 67 -12.63 -24.41 18.67
CA PHE B 67 -13.27 -23.75 17.53
C PHE B 67 -13.88 -22.38 17.95
N GLU B 68 -14.64 -22.39 19.07
CA GLU B 68 -15.25 -21.19 19.67
C GLU B 68 -14.20 -20.10 19.97
N ASP B 69 -13.07 -20.49 20.62
CA ASP B 69 -11.98 -19.56 20.98
CA ASP B 69 -12.00 -19.55 20.98
C ASP B 69 -11.28 -18.99 19.76
N GLU B 70 -11.05 -19.81 18.74
CA GLU B 70 -10.39 -19.35 17.50
C GLU B 70 -11.27 -18.39 16.71
N VAL B 71 -12.59 -18.66 16.65
CA VAL B 71 -13.56 -17.78 15.96
C VAL B 71 -13.64 -16.45 16.75
N HIS B 72 -13.77 -16.56 18.08
CA HIS B 72 -13.84 -15.40 18.98
C HIS B 72 -12.68 -14.42 18.72
N ASN B 73 -11.48 -14.97 18.50
CA ASN B 73 -10.27 -14.19 18.23
C ASN B 73 -10.02 -13.84 16.76
N GLY B 74 -10.93 -14.26 15.86
CA GLY B 74 -10.83 -14.00 14.43
C GLY B 74 -9.61 -14.59 13.78
N ASN B 75 -9.16 -15.79 14.22
CA ASN B 75 -7.97 -16.45 13.65
C ASN B 75 -8.47 -17.29 12.49
N TRP B 76 -8.91 -16.61 11.41
CA TRP B 76 -9.61 -17.24 10.28
C TRP B 76 -8.83 -18.30 9.55
N ASP B 77 -7.51 -18.10 9.32
CA ASP B 77 -6.64 -19.10 8.68
C ASP B 77 -6.68 -20.40 9.46
N GLU B 78 -6.52 -20.31 10.78
CA GLU B 78 -6.53 -21.46 11.68
C GLU B 78 -7.91 -22.13 11.75
N VAL B 79 -8.98 -21.30 11.78
CA VAL B 79 -10.36 -21.80 11.79
C VAL B 79 -10.56 -22.70 10.56
N GLU B 80 -10.16 -22.21 9.36
CA GLU B 80 -10.32 -22.98 8.12
C GLU B 80 -9.43 -24.22 8.04
N LYS B 81 -8.16 -24.15 8.53
CA LYS B 81 -7.26 -25.32 8.55
C LYS B 81 -7.80 -26.37 9.47
N TYR B 82 -8.31 -25.96 10.61
CA TYR B 82 -8.87 -26.90 11.58
C TYR B 82 -10.10 -27.60 11.01
N LEU B 83 -11.05 -26.83 10.43
CA LEU B 83 -12.24 -27.40 9.79
C LEU B 83 -11.88 -28.37 8.65
N SER B 84 -10.76 -28.09 7.94
CA SER B 84 -10.24 -28.86 6.80
CA SER B 84 -10.37 -28.88 6.78
C SER B 84 -9.90 -30.31 7.12
N GLY B 85 -9.74 -30.60 8.41
CA GLY B 85 -9.44 -31.97 8.83
C GLY B 85 -10.69 -32.83 8.86
N PHE B 86 -11.87 -32.20 8.78
CA PHE B 86 -13.18 -32.85 8.89
C PHE B 86 -14.06 -32.76 7.67
N THR B 87 -13.86 -31.73 6.84
CA THR B 87 -14.71 -31.50 5.70
C THR B 87 -14.04 -30.64 4.64
N LYS B 88 -14.55 -30.74 3.41
CA LYS B 88 -14.21 -29.87 2.30
C LYS B 88 -15.39 -28.87 2.26
N VAL B 89 -15.20 -27.70 1.68
CA VAL B 89 -16.23 -26.67 1.57
C VAL B 89 -17.51 -27.20 0.90
N ASP B 90 -17.39 -28.03 -0.15
CA ASP B 90 -18.53 -28.52 -0.92
C ASP B 90 -18.97 -29.96 -0.59
N ASP B 91 -18.62 -30.48 0.58
CA ASP B 91 -19.04 -31.82 0.96
C ASP B 91 -20.55 -31.89 1.11
N ASN B 92 -21.16 -30.83 1.67
CA ASN B 92 -22.61 -30.74 1.86
C ASN B 92 -22.97 -29.29 2.12
N ARG B 93 -24.27 -28.96 2.13
CA ARG B 93 -24.81 -27.60 2.32
C ARG B 93 -24.45 -26.99 3.71
N TYR B 94 -24.25 -27.84 4.74
CA TYR B 94 -23.86 -27.37 6.07
C TYR B 94 -22.42 -26.87 6.02
N SER B 95 -21.51 -27.66 5.40
CA SER B 95 -20.09 -27.31 5.25
C SER B 95 -19.97 -26.02 4.42
N MET B 96 -20.75 -25.94 3.33
CA MET B 96 -20.81 -24.78 2.45
C MET B 96 -21.14 -23.48 3.22
N LYS B 97 -22.23 -23.49 3.99
CA LYS B 97 -22.68 -22.33 4.76
C LYS B 97 -21.68 -21.95 5.85
N ILE B 98 -21.04 -22.95 6.50
CA ILE B 98 -20.02 -22.69 7.53
C ILE B 98 -18.91 -21.82 6.93
N PHE B 99 -18.33 -22.25 5.79
CA PHE B 99 -17.23 -21.52 5.17
C PHE B 99 -17.69 -20.18 4.62
N PHE B 100 -18.92 -20.16 4.10
CA PHE B 100 -19.49 -18.91 3.58
C PHE B 100 -19.65 -17.84 4.69
N GLU B 101 -20.20 -18.25 5.87
CA GLU B 101 -20.41 -17.31 6.98
C GLU B 101 -19.11 -16.73 7.52
N ILE B 102 -18.08 -17.57 7.69
CA ILE B 102 -16.76 -17.17 8.16
C ILE B 102 -16.15 -16.15 7.15
N ARG B 103 -16.14 -16.49 5.86
CA ARG B 103 -15.58 -15.61 4.81
C ARG B 103 -16.35 -14.31 4.62
N LYS B 104 -17.67 -14.36 4.82
CA LYS B 104 -18.50 -13.16 4.75
C LYS B 104 -18.11 -12.25 5.94
N GLN B 105 -17.97 -12.84 7.15
CA GLN B 105 -17.58 -12.09 8.34
C GLN B 105 -16.20 -11.44 8.19
N LYS B 106 -15.21 -12.19 7.67
CA LYS B 106 -13.86 -11.69 7.41
C LYS B 106 -13.95 -10.46 6.43
N TYR B 107 -14.82 -10.54 5.41
CA TYR B 107 -15.05 -9.47 4.42
C TYR B 107 -15.67 -8.25 5.08
N LEU B 108 -16.71 -8.44 5.94
CA LEU B 108 -17.37 -7.32 6.63
C LEU B 108 -16.44 -6.58 7.59
N GLU B 109 -15.56 -7.33 8.29
CA GLU B 109 -14.57 -6.75 9.21
C GLU B 109 -13.56 -5.88 8.44
N ALA B 110 -13.14 -6.32 7.23
CA ALA B 110 -12.22 -5.57 6.37
C ALA B 110 -12.87 -4.26 5.91
N LEU B 111 -14.19 -4.33 5.55
CA LEU B 111 -14.93 -3.11 5.17
C LEU B 111 -15.06 -2.18 6.39
N ASP B 112 -15.26 -2.74 7.60
CA ASP B 112 -15.40 -1.95 8.85
C ASP B 112 -14.10 -1.22 9.21
N LYS B 113 -12.94 -1.82 8.87
CA LYS B 113 -11.61 -1.22 9.09
C LYS B 113 -11.25 -0.27 7.94
N HIS B 114 -12.20 -0.04 6.99
CA HIS B 114 -12.02 0.78 5.77
C HIS B 114 -10.82 0.29 4.95
N ASP B 115 -10.59 -1.01 4.94
CA ASP B 115 -9.49 -1.62 4.21
C ASP B 115 -10.08 -2.24 2.93
N ARG B 116 -10.34 -1.39 1.93
CA ARG B 116 -10.90 -1.82 0.64
C ARG B 116 -9.95 -2.78 -0.10
N PRO B 117 -8.60 -2.60 -0.11
CA PRO B 117 -7.72 -3.62 -0.73
C PRO B 117 -7.87 -5.01 -0.15
N LYS B 118 -7.94 -5.11 1.19
CA LYS B 118 -8.09 -6.41 1.85
C LYS B 118 -9.47 -6.99 1.55
N ALA B 119 -10.53 -6.15 1.61
CA ALA B 119 -11.91 -6.57 1.32
C ALA B 119 -12.06 -7.12 -0.09
N VAL B 120 -11.53 -6.43 -1.11
CA VAL B 120 -11.63 -6.91 -2.50
C VAL B 120 -10.79 -8.20 -2.69
N ASP B 121 -9.70 -8.36 -1.94
CA ASP B 121 -8.89 -9.58 -1.95
C ASP B 121 -9.66 -10.79 -1.35
N ILE B 122 -10.41 -10.58 -0.25
CA ILE B 122 -11.29 -11.59 0.35
C ILE B 122 -12.40 -11.94 -0.66
N LEU B 123 -12.99 -10.93 -1.27
CA LEU B 123 -14.05 -11.11 -2.26
C LEU B 123 -13.64 -12.03 -3.42
N VAL B 124 -12.47 -11.76 -4.01
CA VAL B 124 -12.01 -12.52 -5.16
C VAL B 124 -11.44 -13.90 -4.78
N LYS B 125 -10.67 -13.99 -3.70
CA LYS B 125 -10.04 -15.28 -3.34
C LYS B 125 -10.91 -16.21 -2.49
N ASP B 126 -11.79 -15.67 -1.65
CA ASP B 126 -12.56 -16.48 -0.72
C ASP B 126 -14.03 -16.59 -1.04
N LEU B 127 -14.65 -15.49 -1.54
CA LEU B 127 -16.10 -15.49 -1.75
C LEU B 127 -16.56 -15.78 -3.17
N LYS B 128 -15.67 -15.61 -4.18
CA LYS B 128 -16.03 -15.82 -5.59
C LYS B 128 -16.46 -17.28 -5.89
N VAL B 129 -15.91 -18.25 -5.16
CA VAL B 129 -16.23 -19.69 -5.25
C VAL B 129 -17.75 -19.96 -5.02
N PHE B 130 -18.40 -19.10 -4.27
CA PHE B 130 -19.83 -19.23 -4.00
C PHE B 130 -20.70 -18.57 -5.09
N SER B 131 -20.11 -17.83 -6.05
CA SER B 131 -20.94 -17.08 -7.02
C SER B 131 -21.82 -17.94 -7.95
N THR B 132 -21.32 -19.06 -8.48
CA THR B 132 -22.16 -19.93 -9.35
C THR B 132 -23.40 -20.49 -8.60
N PHE B 133 -23.29 -20.71 -7.28
CA PHE B 133 -24.42 -21.12 -6.41
C PHE B 133 -25.50 -20.02 -6.32
N ASN B 134 -25.10 -18.72 -6.35
CA ASN B 134 -26.03 -17.59 -6.24
C ASN B 134 -25.37 -16.31 -6.77
N GLU B 135 -25.54 -16.03 -8.09
CA GLU B 135 -24.93 -14.84 -8.73
C GLU B 135 -25.41 -13.54 -8.16
N GLU B 136 -26.73 -13.41 -7.92
CA GLU B 136 -27.30 -12.19 -7.37
C GLU B 136 -26.75 -11.88 -6.00
N LEU B 137 -26.59 -12.90 -5.15
CA LEU B 137 -26.01 -12.71 -3.83
C LEU B 137 -24.57 -12.22 -3.94
N PHE B 138 -23.78 -12.81 -4.86
CA PHE B 138 -22.39 -12.37 -5.04
C PHE B 138 -22.31 -10.89 -5.53
N LYS B 139 -23.26 -10.45 -6.39
CA LYS B 139 -23.30 -9.05 -6.88
C LYS B 139 -23.57 -8.12 -5.69
N GLU B 140 -24.52 -8.51 -4.83
CA GLU B 140 -24.91 -7.74 -3.65
C GLU B 140 -23.77 -7.62 -2.65
N ILE B 141 -23.02 -8.72 -2.44
CA ILE B 141 -21.87 -8.72 -1.53
C ILE B 141 -20.80 -7.80 -2.13
N THR B 142 -20.55 -7.91 -3.46
CA THR B 142 -19.59 -7.04 -4.15
C THR B 142 -19.92 -5.54 -3.95
N GLN B 143 -21.21 -5.18 -4.06
CA GLN B 143 -21.63 -3.77 -3.97
C GLN B 143 -21.39 -3.14 -2.62
N LEU B 144 -21.21 -3.94 -1.55
CA LEU B 144 -20.93 -3.35 -0.23
C LEU B 144 -19.61 -2.59 -0.25
N LEU B 145 -18.70 -2.92 -1.20
CA LEU B 145 -17.42 -2.22 -1.36
C LEU B 145 -17.62 -0.74 -1.59
N THR B 146 -18.72 -0.32 -2.25
CA THR B 146 -18.90 1.10 -2.58
C THR B 146 -19.67 1.93 -1.54
N LEU B 147 -20.21 1.32 -0.47
CA LEU B 147 -20.96 2.10 0.55
C LEU B 147 -20.00 2.74 1.56
N GLU B 148 -20.40 3.88 2.16
CA GLU B 148 -19.59 4.55 3.20
C GLU B 148 -19.56 3.63 4.43
N ASN B 149 -20.72 3.02 4.72
CA ASN B 149 -20.89 2.06 5.80
C ASN B 149 -21.78 0.93 5.25
N PHE B 150 -21.31 -0.33 5.37
CA PHE B 150 -22.09 -1.48 4.86
C PHE B 150 -23.44 -1.65 5.59
N ARG B 151 -23.61 -0.98 6.76
CA ARG B 151 -24.86 -1.01 7.51
C ARG B 151 -25.99 -0.23 6.78
N GLU B 152 -25.66 0.49 5.68
CA GLU B 152 -26.64 1.19 4.82
C GLU B 152 -27.51 0.14 4.12
N ASN B 153 -26.95 -1.07 3.90
CA ASN B 153 -27.68 -2.19 3.31
C ASN B 153 -28.63 -2.68 4.39
N GLU B 154 -29.93 -2.76 4.04
CA GLU B 154 -31.05 -3.17 4.89
C GLU B 154 -30.81 -4.47 5.65
N GLN B 155 -30.24 -5.50 4.98
CA GLN B 155 -29.96 -6.82 5.57
C GLN B 155 -28.83 -6.81 6.61
N LEU B 156 -28.01 -5.73 6.62
CA LEU B 156 -26.87 -5.60 7.54
C LEU B 156 -26.96 -4.44 8.53
N SER B 157 -28.06 -3.68 8.52
CA SER B 157 -28.26 -2.50 9.38
C SER B 157 -28.19 -2.79 10.89
N LYS B 158 -28.52 -4.03 11.32
CA LYS B 158 -28.45 -4.38 12.75
C LYS B 158 -27.09 -4.99 13.14
N TYR B 159 -26.08 -4.87 12.25
CA TYR B 159 -24.71 -5.34 12.53
C TYR B 159 -24.12 -4.36 13.58
N GLY B 160 -23.73 -4.89 14.74
CA GLY B 160 -23.17 -4.09 15.83
C GLY B 160 -21.71 -3.74 15.58
N ASP B 161 -20.83 -4.41 16.30
CA ASP B 161 -19.37 -4.26 16.22
C ASP B 161 -18.77 -5.63 16.01
N THR B 162 -17.45 -5.73 15.80
CA THR B 162 -16.83 -7.03 15.51
C THR B 162 -17.10 -8.04 16.64
N LYS B 163 -17.12 -7.62 17.91
CA LYS B 163 -17.40 -8.52 19.03
C LYS B 163 -18.83 -9.10 18.94
N SER B 164 -19.85 -8.24 18.79
CA SER B 164 -21.24 -8.70 18.73
C SER B 164 -21.48 -9.58 17.46
N ALA B 165 -20.88 -9.18 16.33
CA ALA B 165 -20.99 -9.88 15.05
C ALA B 165 -20.34 -11.27 15.07
N ARG B 166 -19.16 -11.42 15.70
CA ARG B 166 -18.50 -12.72 15.82
C ARG B 166 -19.31 -13.67 16.72
N ALA B 167 -19.88 -13.14 17.83
CA ALA B 167 -20.70 -13.96 18.76
C ALA B 167 -21.97 -14.47 18.07
N ILE B 168 -22.70 -13.59 17.34
CA ILE B 168 -23.92 -13.95 16.60
C ILE B 168 -23.60 -15.03 15.53
N MET B 169 -22.51 -14.83 14.78
CA MET B 169 -22.08 -15.77 13.77
C MET B 169 -21.78 -17.13 14.39
N LEU B 170 -21.08 -17.13 15.52
CA LEU B 170 -20.68 -18.34 16.23
C LEU B 170 -21.91 -19.16 16.70
N VAL B 171 -23.01 -18.49 17.10
CA VAL B 171 -24.25 -19.18 17.49
C VAL B 171 -24.72 -20.01 16.27
N GLU B 172 -24.72 -19.40 15.07
CA GLU B 172 -25.09 -20.05 13.81
C GLU B 172 -24.13 -21.19 13.42
N LEU B 173 -22.78 -20.95 13.50
CA LEU B 173 -21.79 -21.97 13.15
C LEU B 173 -21.93 -23.24 13.98
N LYS B 174 -22.16 -23.08 15.30
CA LYS B 174 -22.35 -24.19 16.23
C LYS B 174 -23.57 -25.05 15.80
N LYS B 175 -24.69 -24.41 15.37
CA LYS B 175 -25.91 -25.12 14.91
C LYS B 175 -25.62 -25.87 13.60
N LEU B 176 -24.84 -25.25 12.71
CA LEU B 176 -24.45 -25.87 11.43
C LEU B 176 -23.53 -27.07 11.67
N ILE B 177 -22.55 -26.94 12.56
CA ILE B 177 -21.62 -28.04 12.88
C ILE B 177 -22.41 -29.21 13.52
N GLU B 178 -23.31 -28.90 14.45
CA GLU B 178 -24.12 -29.91 15.16
C GLU B 178 -25.08 -30.69 14.23
N ALA B 179 -25.61 -30.02 13.19
CA ALA B 179 -26.49 -30.62 12.18
C ALA B 179 -25.69 -31.31 11.05
N ASN B 180 -24.42 -30.94 10.85
CA ASN B 180 -23.57 -31.52 9.81
C ASN B 180 -23.24 -33.01 10.06
N PRO B 181 -23.64 -33.92 9.12
CA PRO B 181 -23.36 -35.36 9.33
C PRO B 181 -21.88 -35.70 9.57
N LEU B 182 -20.97 -34.85 9.03
CA LEU B 182 -19.53 -35.03 9.14
C LEU B 182 -18.92 -34.58 10.48
N PHE B 183 -19.72 -33.95 11.38
CA PHE B 183 -19.25 -33.50 12.69
C PHE B 183 -20.08 -34.10 13.82
N ARG B 184 -21.38 -34.29 13.56
CA ARG B 184 -22.44 -34.81 14.43
C ARG B 184 -21.96 -35.87 15.43
N ASP B 185 -21.11 -36.82 14.97
CA ASP B 185 -20.65 -37.96 15.80
C ASP B 185 -19.20 -37.86 16.30
N LYS B 186 -18.59 -36.66 16.22
CA LYS B 186 -17.19 -36.40 16.59
C LYS B 186 -17.09 -35.29 17.66
N LEU B 187 -18.19 -34.99 18.36
CA LEU B 187 -18.23 -33.89 19.34
C LEU B 187 -18.07 -34.33 20.80
N GLN B 188 -18.04 -35.63 21.02
CA GLN B 188 -17.93 -36.20 22.37
C GLN B 188 -16.60 -36.80 22.68
N PHE B 189 -15.97 -36.35 23.76
CA PHE B 189 -14.70 -36.91 24.18
C PHE B 189 -15.01 -38.02 25.16
N PRO B 190 -14.45 -39.23 24.95
CA PRO B 190 -14.75 -40.34 25.87
C PRO B 190 -14.30 -40.06 27.30
N THR B 191 -15.04 -40.63 28.25
CA THR B 191 -14.77 -40.51 29.67
C THR B 191 -13.61 -41.45 29.96
N LEU B 192 -12.52 -40.91 30.52
CA LEU B 192 -11.31 -41.66 30.87
C LEU B 192 -10.86 -41.23 32.25
N ARG B 193 -10.19 -42.13 32.98
CA ARG B 193 -9.57 -41.79 34.25
C ARG B 193 -8.34 -40.95 33.88
N ASN B 194 -7.92 -40.00 34.74
CA ASN B 194 -6.79 -39.12 34.46
C ASN B 194 -5.54 -39.93 34.18
N SER B 195 -4.70 -39.46 33.24
CA SER B 195 -3.40 -40.07 32.90
C SER B 195 -3.47 -41.55 32.49
N ARG B 196 -4.39 -41.91 31.57
CA ARG B 196 -4.53 -43.30 31.12
C ARG B 196 -3.26 -43.88 30.48
N LEU B 197 -2.58 -43.13 29.60
CA LEU B 197 -1.36 -43.60 28.94
C LEU B 197 -0.21 -43.86 29.92
N ARG B 198 0.02 -42.95 30.91
CA ARG B 198 1.05 -43.12 31.95
C ARG B 198 0.75 -44.37 32.74
N THR B 199 -0.52 -44.53 33.16
CA THR B 199 -0.98 -45.70 33.93
C THR B 199 -0.73 -47.00 33.16
N LEU B 200 -1.04 -47.01 31.86
CA LEU B 200 -0.87 -48.21 31.03
C LEU B 200 0.60 -48.56 30.78
N ILE B 201 1.48 -47.55 30.59
CA ILE B 201 2.92 -47.82 30.42
C ILE B 201 3.55 -48.31 31.74
N ASN B 202 3.08 -47.74 32.87
CA ASN B 202 3.51 -48.12 34.21
C ASN B 202 3.19 -49.56 34.52
N GLN B 203 1.96 -50.04 34.23
CA GLN B 203 1.58 -51.42 34.51
C GLN B 203 2.25 -52.41 33.53
N SER B 204 2.57 -51.98 32.30
CA SER B 204 3.24 -52.80 31.29
C SER B 204 4.66 -53.24 31.71
N LEU B 205 5.35 -52.42 32.54
CA LEU B 205 6.69 -52.74 33.05
C LEU B 205 6.66 -53.19 34.52
N ASN B 206 5.82 -52.54 35.36
CA ASN B 206 5.59 -52.77 36.79
C ASN B 206 6.88 -52.85 37.62
N THR C 17 5.36 62.12 -23.44
CA THR C 17 5.23 61.12 -22.38
C THR C 17 6.61 60.82 -21.77
N THR C 18 6.75 61.14 -20.47
CA THR C 18 7.95 60.92 -19.68
C THR C 18 7.79 59.64 -18.82
N GLU C 19 6.57 59.11 -18.79
CA GLU C 19 6.23 57.92 -18.02
C GLU C 19 6.88 56.66 -18.49
N ASN C 20 7.39 55.89 -17.53
CA ASN C 20 7.90 54.56 -17.77
C ASN C 20 6.72 53.61 -17.54
N LEU C 21 6.85 52.34 -17.95
CA LEU C 21 5.79 51.34 -17.76
C LEU C 21 5.47 51.17 -16.29
N TYR C 22 6.50 51.28 -15.45
CA TYR C 22 6.42 51.29 -14.00
C TYR C 22 7.65 51.99 -13.47
N PHE C 23 7.69 52.31 -12.16
CA PHE C 23 8.74 53.16 -11.59
C PHE C 23 10.19 52.66 -11.82
N GLN C 24 10.46 51.36 -11.70
CA GLN C 24 11.80 50.73 -11.92
C GLN C 24 11.95 50.15 -13.38
N GLY C 25 11.02 50.52 -14.27
CA GLY C 25 10.84 50.05 -15.65
C GLY C 25 11.99 50.02 -16.64
N ALA C 26 12.67 51.17 -16.82
CA ALA C 26 13.79 51.29 -17.77
C ALA C 26 15.06 50.40 -17.47
N MET C 27 15.08 49.68 -16.31
CA MET C 27 16.22 48.85 -15.85
C MET C 27 16.31 47.41 -16.42
N GLY C 28 15.18 46.87 -16.91
CA GLY C 28 15.16 45.53 -17.49
C GLY C 28 14.76 45.48 -18.95
N SER C 29 14.66 44.26 -19.51
CA SER C 29 14.21 44.09 -20.88
C SER C 29 12.68 44.41 -20.95
N LEU C 30 12.15 44.65 -22.15
CA LEU C 30 10.72 44.89 -22.31
C LEU C 30 9.92 43.61 -21.91
N SER C 31 10.43 42.42 -22.26
CA SER C 31 9.81 41.15 -21.89
C SER C 31 9.65 41.05 -20.38
N ARG C 32 10.69 41.46 -19.63
CA ARG C 32 10.64 41.45 -18.16
C ARG C 32 9.56 42.45 -17.65
N GLU C 33 9.53 43.66 -18.19
CA GLU C 33 8.52 44.67 -17.86
C GLU C 33 7.08 44.21 -18.17
N LEU C 34 6.85 43.53 -19.32
CA LEU C 34 5.55 42.95 -19.70
C LEU C 34 5.16 41.85 -18.73
N VAL C 35 6.09 41.02 -18.29
CA VAL C 35 5.84 40.00 -17.27
C VAL C 35 5.28 40.65 -15.99
N PHE C 36 5.94 41.72 -15.48
CA PHE C 36 5.42 42.39 -14.31
C PHE C 36 4.06 43.03 -14.53
N LEU C 37 3.81 43.65 -15.73
CA LEU C 37 2.48 44.22 -15.99
C LEU C 37 1.43 43.13 -16.00
N ILE C 38 1.78 41.98 -16.61
CA ILE C 38 0.87 40.82 -16.64
C ILE C 38 0.61 40.24 -15.25
N LEU C 39 1.65 40.14 -14.43
CA LEU C 39 1.48 39.63 -13.07
C LEU C 39 0.46 40.44 -12.27
N GLN C 40 0.50 41.77 -12.39
CA GLN C 40 -0.48 42.63 -11.70
C GLN C 40 -1.89 42.40 -12.26
N PHE C 41 -2.04 42.33 -13.60
CA PHE C 41 -3.33 42.02 -14.22
C PHE C 41 -3.92 40.69 -13.70
N LEU C 42 -3.13 39.61 -13.70
CA LEU C 42 -3.55 38.25 -13.26
C LEU C 42 -3.97 38.24 -11.81
N ASP C 43 -3.24 38.98 -10.97
CA ASP C 43 -3.55 39.15 -9.54
C ASP C 43 -4.89 39.87 -9.37
N GLU C 44 -5.12 40.99 -10.08
CA GLU C 44 -6.41 41.70 -9.99
C GLU C 44 -7.57 40.86 -10.52
N GLU C 45 -7.31 39.95 -11.48
CA GLU C 45 -8.33 39.03 -12.02
C GLU C 45 -8.52 37.81 -11.15
N LYS C 46 -7.62 37.61 -10.16
CA LYS C 46 -7.60 36.48 -9.22
C LYS C 46 -7.28 35.15 -9.92
N PHE C 47 -6.45 35.23 -10.98
CA PHE C 47 -6.00 34.02 -11.69
C PHE C 47 -4.71 33.60 -10.96
N LYS C 48 -4.87 33.07 -9.72
CA LYS C 48 -3.77 32.75 -8.81
C LYS C 48 -2.79 31.70 -9.32
N GLU C 49 -3.29 30.60 -9.87
CA GLU C 49 -2.37 29.58 -10.37
C GLU C 49 -1.55 30.11 -11.54
N THR C 50 -2.14 30.95 -12.40
CA THR C 50 -1.41 31.56 -13.53
C THR C 50 -0.29 32.49 -12.99
N VAL C 51 -0.62 33.28 -11.94
CA VAL C 51 0.34 34.17 -11.28
C VAL C 51 1.62 33.41 -10.93
N HIS C 52 1.48 32.34 -10.17
CA HIS C 52 2.65 31.61 -9.67
C HIS C 52 3.34 30.78 -10.74
N LYS C 53 2.60 30.28 -11.74
CA LYS C 53 3.23 29.61 -12.88
C LYS C 53 4.05 30.63 -13.71
N LEU C 54 3.54 31.86 -13.86
CA LEU C 54 4.29 32.91 -14.59
C LEU C 54 5.56 33.32 -13.82
N GLU C 55 5.44 33.48 -12.50
CA GLU C 55 6.60 33.81 -11.64
C GLU C 55 7.72 32.77 -11.83
N GLN C 56 7.34 31.48 -11.73
CA GLN C 56 8.18 30.30 -11.88
C GLN C 56 8.79 30.18 -13.27
N GLU C 57 7.96 30.23 -14.33
CA GLU C 57 8.49 30.06 -15.69
C GLU C 57 9.35 31.24 -16.15
N SER C 58 8.97 32.47 -15.76
CA SER C 58 9.78 33.63 -16.19
C SER C 58 11.05 33.71 -15.33
N GLY C 59 10.93 33.31 -14.05
CA GLY C 59 11.99 33.40 -13.05
C GLY C 59 12.28 34.83 -12.64
N PHE C 60 11.41 35.78 -12.99
CA PHE C 60 11.66 37.19 -12.70
C PHE C 60 11.30 37.63 -11.32
N PHE C 61 10.38 36.92 -10.67
CA PHE C 61 9.96 37.34 -9.33
C PHE C 61 9.69 36.14 -8.47
N PHE C 62 10.27 36.10 -7.26
CA PHE C 62 10.08 35.00 -6.31
C PHE C 62 9.11 35.51 -5.25
N ASN C 63 7.92 34.94 -5.23
CA ASN C 63 6.85 35.38 -4.33
C ASN C 63 7.01 34.66 -2.98
N MET C 64 7.60 35.38 -1.97
CA MET C 64 7.89 34.83 -0.64
C MET C 64 6.61 34.45 0.11
N LYS C 65 5.55 35.23 -0.03
CA LYS C 65 4.26 34.93 0.63
C LYS C 65 3.70 33.59 0.12
N TYR C 66 3.76 33.34 -1.20
CA TYR C 66 3.27 32.11 -1.83
C TYR C 66 4.10 30.89 -1.37
N PHE C 67 5.45 31.02 -1.41
CA PHE C 67 6.37 29.97 -0.97
C PHE C 67 6.07 29.58 0.50
N GLU C 68 5.90 30.59 1.39
CA GLU C 68 5.58 30.37 2.80
C GLU C 68 4.29 29.55 2.96
N ASP C 69 3.21 29.94 2.23
CA ASP C 69 1.92 29.27 2.29
C ASP C 69 2.01 27.82 1.77
N GLU C 70 2.80 27.58 0.72
CA GLU C 70 2.99 26.23 0.17
C GLU C 70 3.82 25.32 1.12
N VAL C 71 4.80 25.90 1.83
CA VAL C 71 5.61 25.17 2.81
C VAL C 71 4.74 24.88 4.03
N HIS C 72 3.99 25.91 4.52
CA HIS C 72 3.09 25.78 5.67
C HIS C 72 2.12 24.59 5.47
N ASN C 73 1.67 24.39 4.23
CA ASN C 73 0.73 23.35 3.86
C ASN C 73 1.37 22.02 3.45
N GLY C 74 2.71 21.95 3.46
CA GLY C 74 3.44 20.74 3.10
C GLY C 74 3.25 20.30 1.66
N ASN C 75 3.02 21.27 0.72
CA ASN C 75 2.82 20.94 -0.71
C ASN C 75 4.20 20.88 -1.35
N TRP C 76 4.95 19.84 -1.00
CA TRP C 76 6.34 19.63 -1.38
C TRP C 76 6.61 19.54 -2.88
N ASP C 77 5.74 18.87 -3.67
CA ASP C 77 5.97 18.81 -5.12
C ASP C 77 5.91 20.22 -5.71
N GLU C 78 4.89 21.00 -5.31
CA GLU C 78 4.71 22.37 -5.77
C GLU C 78 5.83 23.28 -5.29
N VAL C 79 6.28 23.13 -4.03
CA VAL C 79 7.40 23.89 -3.47
C VAL C 79 8.67 23.69 -4.33
N GLU C 80 8.96 22.44 -4.72
CA GLU C 80 10.15 22.11 -5.53
C GLU C 80 10.03 22.60 -6.95
N LYS C 81 8.85 22.44 -7.57
CA LYS C 81 8.64 22.94 -8.95
C LYS C 81 8.79 24.47 -8.97
N TYR C 82 8.23 25.15 -7.96
CA TYR C 82 8.32 26.61 -7.86
C TYR C 82 9.79 27.07 -7.76
N LEU C 83 10.55 26.47 -6.83
CA LEU C 83 11.98 26.74 -6.65
C LEU C 83 12.79 26.46 -7.93
N SER C 84 12.42 25.42 -8.68
CA SER C 84 13.09 25.02 -9.93
C SER C 84 13.07 26.10 -11.04
N GLY C 85 12.20 27.10 -10.94
CA GLY C 85 12.22 28.20 -11.90
C GLY C 85 13.30 29.21 -11.57
N PHE C 86 13.93 29.06 -10.39
CA PHE C 86 14.92 30.05 -9.92
C PHE C 86 16.29 29.46 -9.70
N THR C 87 16.35 28.17 -9.38
CA THR C 87 17.64 27.54 -9.08
C THR C 87 17.62 26.04 -9.31
N LYS C 88 18.81 25.47 -9.55
CA LYS C 88 19.04 24.03 -9.61
C LYS C 88 19.55 23.70 -8.20
N VAL C 89 19.38 22.43 -7.78
CA VAL C 89 19.80 21.90 -6.49
C VAL C 89 21.28 22.17 -6.19
N ASP C 90 22.16 22.00 -7.17
CA ASP C 90 23.61 22.09 -7.02
C ASP C 90 24.21 23.44 -7.44
N ASP C 91 23.38 24.47 -7.60
CA ASP C 91 23.81 25.80 -8.05
C ASP C 91 24.83 26.48 -7.18
N ASN C 92 24.63 26.40 -5.86
CA ASN C 92 25.47 26.98 -4.83
C ASN C 92 25.08 26.33 -3.50
N ARG C 93 25.83 26.64 -2.42
CA ARG C 93 25.63 26.05 -1.09
C ARG C 93 24.26 26.38 -0.46
N TYR C 94 23.68 27.57 -0.77
CA TYR C 94 22.38 27.98 -0.22
C TYR C 94 21.24 27.16 -0.83
N SER C 95 21.24 27.01 -2.19
CA SER C 95 20.27 26.19 -2.92
C SER C 95 20.33 24.74 -2.46
N MET C 96 21.54 24.20 -2.30
CA MET C 96 21.79 22.84 -1.82
C MET C 96 21.09 22.61 -0.46
N LYS C 97 21.33 23.52 0.48
CA LYS C 97 20.80 23.49 1.85
C LYS C 97 19.29 23.66 1.84
N ILE C 98 18.73 24.55 0.95
CA ILE C 98 17.29 24.77 0.81
C ILE C 98 16.59 23.45 0.49
N PHE C 99 17.01 22.77 -0.60
CA PHE C 99 16.43 21.51 -1.04
C PHE C 99 16.61 20.39 -0.03
N PHE C 100 17.80 20.30 0.57
CA PHE C 100 18.11 19.31 1.61
C PHE C 100 17.15 19.41 2.79
N GLU C 101 16.95 20.63 3.30
CA GLU C 101 16.06 20.89 4.45
C GLU C 101 14.62 20.50 4.14
N ILE C 102 14.12 20.82 2.92
CA ILE C 102 12.76 20.48 2.51
C ILE C 102 12.57 18.97 2.43
N ARG C 103 13.53 18.27 1.79
CA ARG C 103 13.46 16.82 1.60
C ARG C 103 13.65 16.09 2.94
N LYS C 104 14.49 16.63 3.83
CA LYS C 104 14.71 16.09 5.19
C LYS C 104 13.39 16.18 5.97
N GLN C 105 12.66 17.31 5.86
CA GLN C 105 11.36 17.52 6.51
C GLN C 105 10.28 16.53 6.00
N LYS C 106 10.17 16.35 4.67
CA LYS C 106 9.24 15.39 4.04
C LYS C 106 9.49 13.97 4.59
N TYR C 107 10.77 13.57 4.68
CA TYR C 107 11.26 12.30 5.22
C TYR C 107 10.86 12.11 6.68
N LEU C 108 11.11 13.13 7.53
CA LEU C 108 10.76 13.10 8.96
C LEU C 108 9.24 13.03 9.16
N GLU C 109 8.46 13.69 8.28
CA GLU C 109 6.99 13.65 8.34
C GLU C 109 6.48 12.24 8.02
N ALA C 110 7.07 11.58 6.99
CA ALA C 110 6.76 10.18 6.65
C ALA C 110 7.01 9.25 7.84
N LEU C 111 8.18 9.38 8.52
CA LEU C 111 8.54 8.58 9.70
C LEU C 111 7.55 8.80 10.86
N ASP C 112 7.14 10.06 11.07
CA ASP C 112 6.20 10.46 12.13
C ASP C 112 4.79 9.87 11.93
N LYS C 113 4.39 9.62 10.68
CA LYS C 113 3.12 9.02 10.26
C LYS C 113 3.25 7.47 10.21
N HIS C 114 4.41 6.95 10.66
CA HIS C 114 4.79 5.54 10.70
C HIS C 114 4.73 4.88 9.30
N ASP C 115 4.98 5.68 8.25
CA ASP C 115 5.01 5.23 6.86
C ASP C 115 6.48 5.00 6.43
N ARG C 116 7.04 3.86 6.83
CA ARG C 116 8.42 3.53 6.47
C ARG C 116 8.57 3.29 4.94
N PRO C 117 7.61 2.63 4.21
CA PRO C 117 7.77 2.50 2.75
C PRO C 117 7.89 3.85 2.03
N LYS C 118 7.14 4.88 2.50
CA LYS C 118 7.22 6.21 1.89
C LYS C 118 8.55 6.87 2.25
N ALA C 119 9.01 6.74 3.51
CA ALA C 119 10.28 7.32 3.96
C ALA C 119 11.49 6.79 3.18
N VAL C 120 11.57 5.45 2.95
CA VAL C 120 12.65 4.86 2.13
C VAL C 120 12.56 5.39 0.68
N ASP C 121 11.34 5.61 0.14
CA ASP C 121 11.16 6.16 -1.20
C ASP C 121 11.71 7.60 -1.26
N ILE C 122 11.47 8.41 -0.19
CA ILE C 122 11.99 9.79 -0.13
C ILE C 122 13.53 9.72 0.00
N LEU C 123 14.04 8.78 0.83
CA LEU C 123 15.47 8.59 1.03
C LEU C 123 16.20 8.28 -0.29
N VAL C 124 15.68 7.33 -1.07
CA VAL C 124 16.26 6.87 -2.33
C VAL C 124 16.10 7.90 -3.46
N LYS C 125 14.88 8.46 -3.63
CA LYS C 125 14.59 9.39 -4.72
C LYS C 125 14.98 10.85 -4.49
N ASP C 126 14.93 11.33 -3.23
CA ASP C 126 15.19 12.75 -2.96
C ASP C 126 16.44 13.05 -2.17
N LEU C 127 16.80 12.21 -1.20
CA LEU C 127 17.93 12.51 -0.33
C LEU C 127 19.25 11.91 -0.76
N LYS C 128 19.22 10.86 -1.62
CA LYS C 128 20.42 10.17 -2.08
C LYS C 128 21.40 11.07 -2.82
N VAL C 129 20.90 12.08 -3.52
CA VAL C 129 21.72 13.04 -4.27
C VAL C 129 22.70 13.75 -3.32
N PHE C 130 22.33 13.91 -2.04
CA PHE C 130 23.20 14.56 -1.05
C PHE C 130 24.31 13.67 -0.53
N SER C 131 24.23 12.33 -0.75
CA SER C 131 25.25 11.39 -0.26
C SER C 131 26.64 11.61 -0.86
N THR C 132 26.71 12.04 -2.13
CA THR C 132 27.97 12.35 -2.82
C THR C 132 28.76 13.39 -1.99
N PHE C 133 28.07 14.51 -1.65
CA PHE C 133 28.58 15.65 -0.87
C PHE C 133 28.94 15.28 0.57
N ASN C 134 28.05 14.52 1.27
CA ASN C 134 28.27 14.09 2.64
C ASN C 134 27.74 12.64 2.85
N GLU C 135 28.66 11.65 2.71
CA GLU C 135 28.38 10.23 2.85
C GLU C 135 27.88 9.84 4.26
N GLU C 136 28.58 10.26 5.34
CA GLU C 136 28.19 9.95 6.72
C GLU C 136 26.82 10.50 7.10
N LEU C 137 26.48 11.70 6.60
CA LEU C 137 25.19 12.35 6.85
C LEU C 137 24.03 11.52 6.26
N PHE C 138 24.15 11.09 4.99
CA PHE C 138 23.14 10.27 4.34
C PHE C 138 22.95 8.94 5.10
N LYS C 139 24.05 8.38 5.67
CA LYS C 139 24.02 7.16 6.47
C LYS C 139 23.26 7.42 7.77
N GLU C 140 23.53 8.58 8.42
CA GLU C 140 22.86 8.97 9.68
C GLU C 140 21.36 9.17 9.44
N ILE C 141 21.01 9.83 8.32
CA ILE C 141 19.62 10.09 7.90
C ILE C 141 18.92 8.75 7.69
N THR C 142 19.56 7.83 6.94
CA THR C 142 19.06 6.47 6.67
C THR C 142 18.76 5.75 7.96
N GLN C 143 19.70 5.81 8.93
CA GLN C 143 19.61 5.14 10.22
C GLN C 143 18.38 5.56 11.07
N LEU C 144 17.78 6.74 10.79
CA LEU C 144 16.58 7.22 11.48
C LEU C 144 15.35 6.32 11.26
N LEU C 145 15.31 5.60 10.11
CA LEU C 145 14.26 4.65 9.72
C LEU C 145 14.02 3.57 10.78
N THR C 146 15.07 3.11 11.46
CA THR C 146 14.98 2.00 12.39
C THR C 146 14.67 2.44 13.82
N LEU C 147 14.60 3.75 14.09
CA LEU C 147 14.26 4.21 15.47
C LEU C 147 12.75 4.08 15.69
N GLU C 148 12.32 3.72 16.92
CA GLU C 148 10.88 3.66 17.22
C GLU C 148 10.26 5.04 17.07
N ASN C 149 11.04 6.07 17.47
CA ASN C 149 10.70 7.49 17.30
C ASN C 149 12.02 8.19 16.91
N PHE C 150 12.04 8.99 15.83
CA PHE C 150 13.27 9.68 15.41
C PHE C 150 13.77 10.71 16.43
N ARG C 151 12.91 11.11 17.40
CA ARG C 151 13.23 12.04 18.48
C ARG C 151 14.26 11.44 19.43
N GLU C 152 14.49 10.11 19.35
CA GLU C 152 15.51 9.37 20.11
C GLU C 152 16.89 9.87 19.73
N ASN C 153 17.07 10.30 18.46
CA ASN C 153 18.31 10.88 17.97
C ASN C 153 18.48 12.26 18.66
N GLU C 154 19.65 12.48 19.32
CA GLU C 154 19.98 13.70 20.07
C GLU C 154 19.71 15.01 19.30
N GLN C 155 20.14 15.07 18.02
CA GLN C 155 19.98 16.25 17.16
C GLN C 155 18.52 16.54 16.76
N LEU C 156 17.60 15.60 17.00
CA LEU C 156 16.18 15.77 16.68
C LEU C 156 15.27 15.63 17.91
N SER C 157 15.87 15.65 19.13
CA SER C 157 15.12 15.47 20.39
C SER C 157 14.11 16.58 20.66
N LYS C 158 14.38 17.79 20.13
CA LYS C 158 13.54 18.98 20.29
C LYS C 158 12.43 19.09 19.24
N TYR C 159 12.42 18.22 18.20
CA TYR C 159 11.37 18.22 17.16
C TYR C 159 10.01 18.05 17.85
N GLY C 160 9.15 19.04 17.69
CA GLY C 160 7.81 19.01 18.28
C GLY C 160 6.88 18.19 17.43
N ASP C 161 6.03 18.86 16.66
CA ASP C 161 5.09 18.23 15.73
C ASP C 161 5.25 18.83 14.31
N THR C 162 4.42 18.37 13.35
CA THR C 162 4.42 18.80 11.95
C THR C 162 4.31 20.33 11.82
N LYS C 163 3.40 20.95 12.59
CA LYS C 163 3.17 22.39 12.61
C LYS C 163 4.39 23.15 13.11
N SER C 164 4.92 22.76 14.27
CA SER C 164 6.09 23.41 14.88
C SER C 164 7.33 23.28 14.01
N ALA C 165 7.60 22.08 13.48
CA ALA C 165 8.76 21.79 12.63
C ALA C 165 8.72 22.52 11.29
N ARG C 166 7.53 22.63 10.65
CA ARG C 166 7.39 23.34 9.36
C ARG C 166 7.66 24.85 9.57
N ALA C 167 7.17 25.40 10.71
CA ALA C 167 7.37 26.81 11.05
C ALA C 167 8.85 27.14 11.30
N ILE C 168 9.59 26.28 12.07
CA ILE C 168 11.02 26.43 12.36
C ILE C 168 11.85 26.32 11.05
N MET C 169 11.55 25.31 10.21
CA MET C 169 12.24 25.13 8.94
C MET C 169 12.02 26.35 8.02
N LEU C 170 10.77 26.88 7.96
CA LEU C 170 10.46 28.04 7.14
C LEU C 170 11.30 29.29 7.51
N VAL C 171 11.57 29.51 8.81
CA VAL C 171 12.43 30.62 9.30
C VAL C 171 13.83 30.47 8.67
N GLU C 172 14.39 29.24 8.68
CA GLU C 172 15.69 28.92 8.07
C GLU C 172 15.66 29.08 6.53
N LEU C 173 14.62 28.53 5.85
CA LEU C 173 14.47 28.64 4.39
C LEU C 173 14.44 30.11 3.93
N LYS C 174 13.73 30.97 4.67
CA LYS C 174 13.64 32.41 4.37
C LYS C 174 15.04 33.07 4.42
N LYS C 175 15.85 32.76 5.45
CA LYS C 175 17.21 33.31 5.62
C LYS C 175 18.14 32.84 4.48
N LEU C 176 18.05 31.55 4.11
CA LEU C 176 18.82 30.94 3.01
C LEU C 176 18.48 31.59 1.67
N ILE C 177 17.16 31.83 1.41
CA ILE C 177 16.69 32.49 0.18
C ILE C 177 17.19 33.94 0.12
N GLU C 178 17.06 34.68 1.24
CA GLU C 178 17.50 36.08 1.33
C GLU C 178 19.01 36.25 1.13
N ALA C 179 19.81 35.24 1.55
CA ALA C 179 21.27 35.21 1.40
C ALA C 179 21.74 34.66 0.03
N ASN C 180 20.87 33.92 -0.70
CA ASN C 180 21.18 33.27 -1.96
C ASN C 180 21.30 34.28 -3.10
N PRO C 181 22.48 34.41 -3.76
CA PRO C 181 22.61 35.39 -4.86
C PRO C 181 21.63 35.22 -6.01
N LEU C 182 21.04 34.03 -6.17
CA LEU C 182 20.09 33.78 -7.25
C LEU C 182 18.67 34.30 -6.95
N PHE C 183 18.37 34.62 -5.67
CA PHE C 183 17.04 35.08 -5.25
C PHE C 183 17.02 36.46 -4.69
N ARG C 184 18.02 36.77 -3.85
CA ARG C 184 18.23 38.02 -3.11
C ARG C 184 17.73 39.31 -3.87
N ASP C 185 17.79 39.34 -5.24
CA ASP C 185 17.38 40.48 -6.12
C ASP C 185 16.01 40.33 -6.88
N LYS C 186 15.23 39.27 -6.57
CA LYS C 186 13.96 38.91 -7.22
C LYS C 186 12.83 38.87 -6.16
N LEU C 187 13.05 39.52 -5.01
CA LEU C 187 12.16 39.44 -3.87
C LEU C 187 11.23 40.63 -3.65
N GLN C 188 11.43 41.71 -4.38
CA GLN C 188 10.59 42.89 -4.24
C GLN C 188 9.80 43.15 -5.53
N PHE C 189 8.46 43.10 -5.47
CA PHE C 189 7.66 43.38 -6.66
C PHE C 189 7.86 44.88 -7.02
N PRO C 190 7.97 45.24 -8.31
CA PRO C 190 8.17 46.66 -8.64
C PRO C 190 6.90 47.49 -8.37
N THR C 191 7.04 48.83 -8.45
CA THR C 191 5.99 49.81 -8.16
C THR C 191 5.22 50.22 -9.40
N LEU C 192 3.97 49.73 -9.50
CA LEU C 192 3.12 49.97 -10.65
C LEU C 192 1.92 50.78 -10.25
N ARG C 193 1.42 51.58 -11.21
CA ARG C 193 0.15 52.30 -11.11
C ARG C 193 -0.95 51.20 -11.07
N ASN C 194 -2.13 51.50 -10.53
CA ASN C 194 -3.28 50.60 -10.47
C ASN C 194 -3.64 50.12 -11.85
N SER C 195 -3.88 48.81 -12.03
CA SER C 195 -4.34 48.23 -13.31
C SER C 195 -3.58 48.79 -14.51
N ARG C 196 -2.26 48.79 -14.43
CA ARG C 196 -1.39 49.43 -15.43
C ARG C 196 -1.57 48.86 -16.83
N LEU C 197 -1.50 47.52 -16.99
CA LEU C 197 -1.66 46.90 -18.31
C LEU C 197 -3.03 47.23 -18.93
N ARG C 198 -4.10 47.06 -18.13
CA ARG C 198 -5.48 47.33 -18.55
C ARG C 198 -5.64 48.78 -19.02
N THR C 199 -5.08 49.75 -18.28
CA THR C 199 -5.12 51.18 -18.58
C THR C 199 -4.35 51.54 -19.87
N LEU C 200 -3.15 50.99 -20.04
CA LEU C 200 -2.33 51.25 -21.24
C LEU C 200 -2.92 50.61 -22.49
N ILE C 201 -3.43 49.37 -22.39
CA ILE C 201 -4.04 48.73 -23.58
C ILE C 201 -5.35 49.42 -23.97
N ASN C 202 -6.16 49.79 -22.96
CA ASN C 202 -7.41 50.49 -23.22
C ASN C 202 -7.19 51.83 -23.95
N GLN C 203 -6.12 52.58 -23.63
CA GLN C 203 -5.82 53.82 -24.33
C GLN C 203 -5.18 53.55 -25.72
N SER C 204 -4.37 52.50 -25.84
CA SER C 204 -3.74 52.12 -27.10
C SER C 204 -4.77 51.63 -28.13
N LEU C 205 -5.81 50.90 -27.67
CA LEU C 205 -6.87 50.40 -28.53
C LEU C 205 -7.83 51.51 -28.98
N ASN C 206 -8.04 52.52 -28.12
CA ASN C 206 -8.89 53.68 -28.40
C ASN C 206 -8.19 54.64 -29.35
N MET D 27 14.74 -46.28 35.23
CA MET D 27 14.50 -45.42 34.06
C MET D 27 14.81 -43.93 34.34
N GLY D 28 14.50 -43.06 33.36
CA GLY D 28 14.76 -41.62 33.42
C GLY D 28 13.54 -40.74 33.67
N SER D 29 12.74 -40.48 32.62
CA SER D 29 11.53 -39.65 32.69
C SER D 29 10.40 -40.23 31.83
N LEU D 30 9.25 -40.58 32.48
CA LEU D 30 8.07 -41.15 31.84
C LEU D 30 7.49 -40.24 30.78
N SER D 31 7.36 -38.92 31.07
CA SER D 31 6.86 -37.95 30.09
C SER D 31 7.71 -37.93 28.84
N ARG D 32 9.05 -37.91 29.00
CA ARG D 32 9.99 -37.90 27.86
C ARG D 32 9.91 -39.22 27.09
N GLU D 33 9.85 -40.35 27.78
CA GLU D 33 9.73 -41.67 27.15
C GLU D 33 8.43 -41.74 26.31
N LEU D 34 7.31 -41.27 26.90
CA LEU D 34 6.03 -41.25 26.21
C LEU D 34 6.05 -40.36 24.98
N VAL D 35 6.74 -39.20 25.03
CA VAL D 35 6.82 -38.32 23.84
C VAL D 35 7.45 -39.05 22.65
N PHE D 36 8.55 -39.80 22.90
CA PHE D 36 9.22 -40.55 21.84
C PHE D 36 8.36 -41.68 21.28
N LEU D 37 7.62 -42.39 22.15
CA LEU D 37 6.71 -43.46 21.71
C LEU D 37 5.58 -42.86 20.87
N ILE D 38 5.06 -41.69 21.29
CA ILE D 38 3.99 -40.98 20.58
C ILE D 38 4.51 -40.46 19.24
N LEU D 39 5.75 -39.96 19.19
CA LEU D 39 6.33 -39.46 17.93
C LEU D 39 6.38 -40.58 16.89
N GLN D 40 6.78 -41.79 17.32
CA GLN D 40 6.83 -42.95 16.43
C GLN D 40 5.44 -43.30 15.90
N PHE D 41 4.43 -43.35 16.80
CA PHE D 41 3.02 -43.61 16.45
C PHE D 41 2.54 -42.57 15.42
N LEU D 42 2.74 -41.29 15.70
CA LEU D 42 2.32 -40.19 14.82
C LEU D 42 2.97 -40.31 13.44
N ASP D 43 4.26 -40.66 13.39
CA ASP D 43 5.01 -40.84 12.14
C ASP D 43 4.43 -42.01 11.31
N GLU D 44 4.06 -43.11 11.99
CA GLU D 44 3.49 -44.30 11.38
C GLU D 44 2.08 -44.04 10.84
N GLU D 45 1.31 -43.14 11.51
CA GLU D 45 -0.04 -42.77 11.06
C GLU D 45 0.01 -41.65 9.99
N LYS D 46 1.23 -41.09 9.73
CA LYS D 46 1.50 -39.99 8.78
C LYS D 46 0.86 -38.68 9.25
N PHE D 47 0.77 -38.50 10.58
CA PHE D 47 0.24 -37.26 11.16
C PHE D 47 1.43 -36.29 11.28
N LYS D 48 1.90 -35.79 10.11
CA LYS D 48 3.12 -34.98 9.94
C LYS D 48 3.12 -33.67 10.68
N GLU D 49 2.06 -32.86 10.56
CA GLU D 49 2.07 -31.59 11.29
C GLU D 49 2.01 -31.85 12.81
N THR D 50 1.35 -32.94 13.25
CA THR D 50 1.30 -33.29 14.68
C THR D 50 2.73 -33.67 15.14
N VAL D 51 3.47 -34.48 14.35
CA VAL D 51 4.86 -34.89 14.68
C VAL D 51 5.73 -33.66 15.03
N HIS D 52 5.73 -32.66 14.13
CA HIS D 52 6.58 -31.49 14.27
C HIS D 52 6.10 -30.53 15.34
N LYS D 53 4.78 -30.39 15.56
CA LYS D 53 4.30 -29.58 16.69
C LYS D 53 4.73 -30.24 18.02
N LEU D 54 4.72 -31.58 18.09
CA LEU D 54 5.11 -32.29 19.32
C LEU D 54 6.61 -32.17 19.58
N GLU D 55 7.43 -32.27 18.54
CA GLU D 55 8.88 -32.08 18.67
C GLU D 55 9.14 -30.67 19.24
N GLN D 56 8.48 -29.66 18.64
CA GLN D 56 8.60 -28.26 19.01
C GLN D 56 8.13 -27.97 20.43
N GLU D 57 6.87 -28.37 20.78
CA GLU D 57 6.28 -28.08 22.09
C GLU D 57 6.96 -28.83 23.24
N SER D 58 7.39 -30.06 23.02
CA SER D 58 8.08 -30.81 24.09
C SER D 58 9.56 -30.40 24.18
N GLY D 59 10.14 -29.99 23.05
CA GLY D 59 11.56 -29.66 22.95
C GLY D 59 12.50 -30.84 23.11
N PHE D 60 11.97 -32.08 23.03
CA PHE D 60 12.79 -33.27 23.28
C PHE D 60 13.59 -33.75 22.08
N PHE D 61 13.14 -33.41 20.88
CA PHE D 61 13.83 -33.91 19.69
C PHE D 61 13.76 -32.89 18.59
N PHE D 62 14.92 -32.54 18.03
CA PHE D 62 14.98 -31.57 16.93
C PHE D 62 15.17 -32.35 15.64
N ASN D 63 14.19 -32.22 14.74
CA ASN D 63 14.20 -32.97 13.48
C ASN D 63 14.94 -32.18 12.40
N MET D 64 16.21 -32.55 12.12
CA MET D 64 17.09 -31.86 11.16
C MET D 64 16.56 -31.92 9.74
N LYS D 65 16.07 -33.10 9.32
CA LYS D 65 15.52 -33.29 7.97
C LYS D 65 14.31 -32.36 7.74
N TYR D 66 13.41 -32.27 8.74
CA TYR D 66 12.25 -31.37 8.68
C TYR D 66 12.71 -29.92 8.56
N PHE D 67 13.67 -29.51 9.42
CA PHE D 67 14.20 -28.14 9.45
C PHE D 67 14.88 -27.80 8.11
N GLU D 68 15.65 -28.74 7.52
CA GLU D 68 16.31 -28.54 6.21
C GLU D 68 15.26 -28.29 5.14
N ASP D 69 14.16 -29.09 5.15
CA ASP D 69 13.09 -28.95 4.17
C ASP D 69 12.37 -27.59 4.26
N GLU D 70 12.11 -27.13 5.49
CA GLU D 70 11.43 -25.85 5.73
C GLU D 70 12.27 -24.64 5.31
N VAL D 71 13.59 -24.71 5.52
CA VAL D 71 14.56 -23.67 5.10
C VAL D 71 14.66 -23.68 3.57
N HIS D 72 14.75 -24.88 2.97
CA HIS D 72 14.82 -25.06 1.52
C HIS D 72 13.65 -24.36 0.82
N ASN D 73 12.45 -24.48 1.39
CA ASN D 73 11.25 -23.87 0.81
C ASN D 73 10.99 -22.43 1.27
N GLY D 74 11.87 -21.88 2.13
CA GLY D 74 11.75 -20.50 2.61
C GLY D 74 10.51 -20.25 3.44
N ASN D 75 10.08 -21.25 4.22
CA ASN D 75 8.92 -21.15 5.11
C ASN D 75 9.40 -20.57 6.44
N TRP D 76 9.86 -19.30 6.41
CA TRP D 76 10.50 -18.60 7.53
C TRP D 76 9.70 -18.52 8.79
N ASP D 77 8.36 -18.27 8.73
CA ASP D 77 7.55 -18.22 9.95
C ASP D 77 7.58 -19.58 10.68
N GLU D 78 7.45 -20.68 9.92
CA GLU D 78 7.49 -22.04 10.44
C GLU D 78 8.91 -22.39 10.94
N VAL D 79 9.95 -22.02 10.18
CA VAL D 79 11.35 -22.23 10.60
C VAL D 79 11.57 -21.59 12.01
N GLU D 80 11.13 -20.34 12.20
CA GLU D 80 11.28 -19.61 13.47
C GLU D 80 10.40 -20.21 14.56
N LYS D 81 9.13 -20.59 14.25
CA LYS D 81 8.24 -21.21 15.23
C LYS D 81 8.82 -22.51 15.73
N TYR D 82 9.38 -23.32 14.82
CA TYR D 82 9.94 -24.61 15.14
C TYR D 82 11.17 -24.44 16.03
N LEU D 83 12.08 -23.54 15.64
CA LEU D 83 13.30 -23.23 16.42
C LEU D 83 12.98 -22.74 17.82
N SER D 84 11.89 -21.95 17.95
CA SER D 84 11.46 -21.35 19.21
C SER D 84 11.13 -22.40 20.29
N GLY D 85 10.93 -23.66 19.89
CA GLY D 85 10.70 -24.71 20.88
C GLY D 85 11.99 -25.17 21.52
N PHE D 86 13.12 -24.69 20.98
CA PHE D 86 14.46 -25.16 21.36
C PHE D 86 15.40 -24.10 21.86
N THR D 87 15.27 -22.90 21.31
CA THR D 87 16.19 -21.82 21.66
C THR D 87 15.62 -20.46 21.32
N LYS D 88 16.23 -19.43 21.91
CA LYS D 88 15.92 -18.02 21.68
C LYS D 88 17.14 -17.38 21.06
N VAL D 89 16.91 -16.27 20.35
CA VAL D 89 17.95 -15.51 19.63
C VAL D 89 19.12 -15.12 20.52
N ASP D 90 18.84 -14.84 21.80
CA ASP D 90 19.89 -14.35 22.71
C ASP D 90 20.40 -15.41 23.71
N ASP D 91 20.19 -16.71 23.42
CA ASP D 91 20.61 -17.79 24.34
C ASP D 91 22.12 -17.93 24.43
N ASN D 92 22.80 -17.88 23.29
CA ASN D 92 24.24 -18.04 23.18
C ASN D 92 24.66 -17.59 21.78
N ARG D 93 25.97 -17.56 21.50
CA ARG D 93 26.51 -17.08 20.20
C ARG D 93 26.07 -17.94 19.01
N TYR D 94 25.86 -19.26 19.22
CA TYR D 94 25.39 -20.15 18.15
C TYR D 94 23.95 -19.84 17.78
N SER D 95 23.07 -19.74 18.78
CA SER D 95 21.65 -19.43 18.58
C SER D 95 21.50 -18.06 17.91
N MET D 96 22.25 -17.05 18.39
CA MET D 96 22.23 -15.72 17.80
C MET D 96 22.59 -15.75 16.31
N LYS D 97 23.64 -16.50 15.94
CA LYS D 97 24.07 -16.58 14.54
C LYS D 97 23.06 -17.34 13.67
N ILE D 98 22.40 -18.37 14.22
CA ILE D 98 21.37 -19.14 13.50
C ILE D 98 20.23 -18.21 13.07
N PHE D 99 19.65 -17.45 14.04
CA PHE D 99 18.56 -16.51 13.78
C PHE D 99 19.02 -15.37 12.89
N PHE D 100 20.26 -14.87 13.08
CA PHE D 100 20.81 -13.80 12.24
C PHE D 100 20.91 -14.25 10.77
N GLU D 101 21.47 -15.43 10.53
CA GLU D 101 21.62 -15.93 9.16
C GLU D 101 20.27 -16.08 8.46
N ILE D 102 19.26 -16.61 9.17
CA ILE D 102 17.90 -16.80 8.63
C ILE D 102 17.27 -15.46 8.29
N ARG D 103 17.30 -14.50 9.24
CA ARG D 103 16.66 -13.20 9.05
C ARG D 103 17.38 -12.35 8.03
N LYS D 104 18.70 -12.51 7.92
CA LYS D 104 19.49 -11.78 6.91
C LYS D 104 19.09 -12.29 5.52
N GLN D 105 18.92 -13.62 5.36
CA GLN D 105 18.51 -14.25 4.10
C GLN D 105 17.12 -13.81 3.68
N LYS D 106 16.16 -13.74 4.63
CA LYS D 106 14.80 -13.26 4.37
C LYS D 106 14.85 -11.79 3.85
N TYR D 107 15.68 -10.93 4.49
CA TYR D 107 15.91 -9.52 4.12
C TYR D 107 16.50 -9.39 2.71
N LEU D 108 17.58 -10.17 2.43
CA LEU D 108 18.24 -10.14 1.11
C LEU D 108 17.29 -10.65 0.01
N GLU D 109 16.40 -11.61 0.35
CA GLU D 109 15.42 -12.12 -0.62
C GLU D 109 14.36 -11.05 -0.95
N ALA D 110 13.98 -10.23 0.04
CA ALA D 110 13.04 -9.10 -0.15
C ALA D 110 13.66 -8.04 -1.04
N LEU D 111 14.94 -7.69 -0.83
CA LEU D 111 15.66 -6.70 -1.63
C LEU D 111 15.83 -7.18 -3.07
N ASP D 112 16.06 -8.49 -3.26
CA ASP D 112 16.24 -9.11 -4.58
C ASP D 112 14.96 -9.04 -5.42
N LYS D 113 13.79 -9.14 -4.76
CA LYS D 113 12.45 -9.06 -5.37
C LYS D 113 12.05 -7.57 -5.54
N HIS D 114 12.97 -6.64 -5.21
CA HIS D 114 12.81 -5.18 -5.26
C HIS D 114 11.61 -4.73 -4.41
N ASP D 115 11.47 -5.34 -3.23
CA ASP D 115 10.40 -5.08 -2.28
C ASP D 115 10.95 -4.38 -1.04
N ARG D 116 11.26 -3.07 -1.17
CA ARG D 116 11.76 -2.23 -0.08
C ARG D 116 10.78 -2.16 1.11
N PRO D 117 9.42 -2.07 0.90
CA PRO D 117 8.50 -2.13 2.06
C PRO D 117 8.63 -3.41 2.88
N LYS D 118 8.73 -4.60 2.23
CA LYS D 118 8.89 -5.87 2.94
C LYS D 118 10.27 -5.96 3.61
N ALA D 119 11.32 -5.46 2.92
CA ALA D 119 12.69 -5.40 3.40
C ALA D 119 12.82 -4.55 4.66
N VAL D 120 12.23 -3.33 4.67
CA VAL D 120 12.30 -2.44 5.83
C VAL D 120 11.50 -3.05 7.01
N ASP D 121 10.43 -3.80 6.73
CA ASP D 121 9.63 -4.45 7.76
C ASP D 121 10.43 -5.56 8.47
N ILE D 122 11.21 -6.33 7.69
CA ILE D 122 12.07 -7.40 8.20
C ILE D 122 13.18 -6.75 9.04
N LEU D 123 13.77 -5.68 8.52
CA LEU D 123 14.86 -4.96 9.16
C LEU D 123 14.47 -4.49 10.58
N VAL D 124 13.32 -3.82 10.67
CA VAL D 124 12.77 -3.25 11.90
C VAL D 124 12.26 -4.35 12.86
N LYS D 125 11.52 -5.33 12.35
CA LYS D 125 10.91 -6.37 13.20
C LYS D 125 11.80 -7.54 13.57
N ASP D 126 12.70 -7.95 12.67
CA ASP D 126 13.54 -9.14 12.86
C ASP D 126 15.00 -8.87 13.07
N LEU D 127 15.59 -7.85 12.40
CA LEU D 127 17.03 -7.61 12.49
C LEU D 127 17.46 -6.60 13.53
N LYS D 128 16.55 -5.74 14.00
CA LYS D 128 16.87 -4.72 15.01
C LYS D 128 17.45 -5.29 16.31
N VAL D 129 16.99 -6.45 16.74
CA VAL D 129 17.50 -7.10 17.96
C VAL D 129 19.03 -7.27 17.94
N PHE D 130 19.62 -7.49 16.76
CA PHE D 130 21.06 -7.69 16.59
C PHE D 130 21.88 -6.44 16.79
N SER D 131 21.26 -5.24 16.73
CA SER D 131 22.02 -3.99 16.91
C SER D 131 22.55 -3.87 18.34
N THR D 132 21.85 -4.46 19.31
CA THR D 132 22.25 -4.48 20.73
C THR D 132 23.61 -5.21 20.92
N PHE D 133 23.92 -6.17 19.99
CA PHE D 133 25.09 -7.05 19.98
C PHE D 133 26.19 -6.63 19.02
N ASN D 134 25.82 -6.02 17.87
CA ASN D 134 26.74 -5.51 16.85
C ASN D 134 26.12 -4.31 16.12
N GLU D 135 26.27 -3.12 16.72
CA GLU D 135 25.77 -1.82 16.26
C GLU D 135 26.12 -1.47 14.81
N GLU D 136 27.43 -1.53 14.46
CA GLU D 136 27.95 -1.22 13.14
C GLU D 136 27.42 -2.14 12.04
N LEU D 137 27.30 -3.44 12.34
CA LEU D 137 26.77 -4.43 11.39
C LEU D 137 25.33 -4.07 11.02
N PHE D 138 24.50 -3.74 12.02
CA PHE D 138 23.09 -3.36 11.80
C PHE D 138 22.95 -2.10 10.92
N LYS D 139 23.90 -1.16 11.03
CA LYS D 139 23.95 0.06 10.23
C LYS D 139 24.27 -0.29 8.77
N GLU D 140 25.25 -1.22 8.57
CA GLU D 140 25.65 -1.69 7.24
C GLU D 140 24.50 -2.46 6.58
N ILE D 141 23.76 -3.25 7.38
CA ILE D 141 22.60 -4.03 6.91
C ILE D 141 21.49 -3.05 6.48
N THR D 142 21.21 -2.02 7.31
CA THR D 142 20.22 -0.96 7.04
C THR D 142 20.56 -0.25 5.72
N GLN D 143 21.85 0.09 5.52
CA GLN D 143 22.39 0.79 4.35
C GLN D 143 22.13 0.05 3.03
N LEU D 144 21.94 -1.29 3.07
CA LEU D 144 21.64 -2.08 1.86
C LEU D 144 20.33 -1.61 1.17
N LEU D 145 19.38 -1.00 1.95
CA LEU D 145 18.09 -0.47 1.45
C LEU D 145 18.26 0.59 0.38
N THR D 146 19.33 1.39 0.44
CA THR D 146 19.56 2.49 -0.51
C THR D 146 20.36 2.08 -1.73
N LEU D 147 20.73 0.81 -1.84
CA LEU D 147 21.51 0.35 -2.99
C LEU D 147 20.61 -0.11 -4.13
N GLU D 148 21.07 0.06 -5.39
CA GLU D 148 20.32 -0.39 -6.56
C GLU D 148 20.29 -1.92 -6.54
N ASN D 149 21.42 -2.54 -6.16
CA ASN D 149 21.58 -3.98 -5.98
C ASN D 149 22.47 -4.21 -4.76
N PHE D 150 22.02 -5.01 -3.77
CA PHE D 150 22.79 -5.28 -2.55
C PHE D 150 24.19 -5.88 -2.84
N ARG D 151 24.34 -6.53 -4.02
CA ARG D 151 25.60 -7.12 -4.49
C ARG D 151 26.73 -6.10 -4.70
N GLU D 152 26.42 -4.78 -4.66
CA GLU D 152 27.40 -3.69 -4.74
C GLU D 152 28.26 -3.67 -3.46
N ASN D 153 27.73 -4.25 -2.35
CA ASN D 153 28.45 -4.38 -1.09
C ASN D 153 29.47 -5.51 -1.28
N GLU D 154 30.77 -5.23 -1.03
CA GLU D 154 31.89 -6.17 -1.22
C GLU D 154 31.65 -7.53 -0.59
N GLN D 155 31.13 -7.53 0.65
CA GLN D 155 30.83 -8.75 1.39
C GLN D 155 29.70 -9.58 0.76
N LEU D 156 28.88 -8.96 -0.11
CA LEU D 156 27.74 -9.62 -0.77
C LEU D 156 27.85 -9.70 -2.29
N SER D 157 29.06 -9.42 -2.84
CA SER D 157 29.30 -9.45 -4.29
C SER D 157 29.21 -10.85 -4.91
N LYS D 158 29.45 -11.89 -4.10
CA LYS D 158 29.43 -13.28 -4.55
C LYS D 158 28.07 -13.96 -4.32
N TYR D 159 27.03 -13.22 -3.87
CA TYR D 159 25.67 -13.74 -3.72
C TYR D 159 25.14 -14.00 -5.16
N GLY D 160 24.67 -15.23 -5.39
CA GLY D 160 24.14 -15.63 -6.68
C GLY D 160 22.64 -15.40 -6.76
N ASP D 161 21.86 -16.43 -6.46
CA ASP D 161 20.40 -16.38 -6.46
C ASP D 161 19.83 -16.98 -5.17
N THR D 162 18.49 -16.99 -5.02
CA THR D 162 17.77 -17.53 -3.85
C THR D 162 18.22 -18.97 -3.55
N LYS D 163 18.17 -19.85 -4.57
CA LYS D 163 18.54 -21.26 -4.52
C LYS D 163 19.98 -21.48 -4.00
N SER D 164 20.98 -20.84 -4.64
CA SER D 164 22.38 -20.98 -4.21
C SER D 164 22.59 -20.46 -2.78
N ALA D 165 22.01 -19.28 -2.46
CA ALA D 165 22.11 -18.64 -1.16
C ALA D 165 21.48 -19.44 -0.02
N ARG D 166 20.27 -20.04 -0.25
CA ARG D 166 19.61 -20.87 0.77
C ARG D 166 20.43 -22.13 1.05
N ALA D 167 21.06 -22.72 0.00
CA ALA D 167 21.88 -23.93 0.15
C ALA D 167 23.15 -23.64 0.96
N ILE D 168 23.87 -22.55 0.64
CA ILE D 168 25.08 -22.12 1.35
C ILE D 168 24.74 -21.84 2.82
N MET D 169 23.67 -21.07 3.07
CA MET D 169 23.24 -20.76 4.43
C MET D 169 22.87 -22.03 5.21
N LEU D 170 22.18 -23.01 4.56
CA LEU D 170 21.75 -24.25 5.22
C LEU D 170 22.92 -25.10 5.70
N VAL D 171 24.04 -25.10 4.94
CA VAL D 171 25.28 -25.81 5.31
C VAL D 171 25.76 -25.20 6.64
N GLU D 172 25.83 -23.86 6.69
CA GLU D 172 26.22 -23.12 7.89
C GLU D 172 25.29 -23.38 9.09
N LEU D 173 23.96 -23.31 8.88
CA LEU D 173 22.98 -23.54 9.96
C LEU D 173 23.09 -24.90 10.60
N LYS D 174 23.31 -25.96 9.78
CA LYS D 174 23.46 -27.34 10.27
C LYS D 174 24.68 -27.42 11.20
N LYS D 175 25.79 -26.76 10.82
CA LYS D 175 27.02 -26.72 11.61
C LYS D 175 26.78 -26.02 12.94
N LEU D 176 26.05 -24.89 12.92
CA LEU D 176 25.73 -24.11 14.11
C LEU D 176 24.83 -24.87 15.07
N ILE D 177 23.82 -25.62 14.56
CA ILE D 177 22.93 -26.42 15.38
C ILE D 177 23.69 -27.57 16.06
N GLU D 178 24.50 -28.31 15.28
CA GLU D 178 25.30 -29.43 15.75
C GLU D 178 26.37 -29.03 16.78
N ALA D 179 26.82 -27.75 16.76
CA ALA D 179 27.80 -27.20 17.69
C ALA D 179 27.12 -26.54 18.91
N ASN D 180 25.81 -26.22 18.81
CA ASN D 180 25.06 -25.54 19.84
C ASN D 180 24.79 -26.47 21.05
N PRO D 181 25.31 -26.14 22.27
CA PRO D 181 25.10 -27.04 23.43
C PRO D 181 23.65 -27.28 23.82
N LEU D 182 22.74 -26.36 23.41
CA LEU D 182 21.30 -26.47 23.66
C LEU D 182 20.62 -27.57 22.86
N PHE D 183 21.31 -28.10 21.83
CA PHE D 183 20.80 -29.15 20.95
C PHE D 183 21.42 -30.52 21.26
N ARG D 184 22.19 -30.64 22.37
CA ARG D 184 22.84 -31.88 22.82
C ARG D 184 21.78 -32.87 23.28
N ASP D 185 21.87 -34.12 22.80
CA ASP D 185 20.93 -35.21 23.09
C ASP D 185 19.53 -34.96 22.48
N LYS D 186 19.43 -34.00 21.54
CA LYS D 186 18.16 -33.68 20.90
C LYS D 186 18.22 -33.99 19.41
N LEU D 187 19.38 -34.42 18.91
CA LEU D 187 19.56 -34.68 17.47
C LEU D 187 19.49 -36.18 17.09
N GLN D 188 19.45 -37.07 18.06
CA GLN D 188 19.37 -38.50 17.77
C GLN D 188 18.04 -39.07 18.24
N PHE D 189 17.32 -39.74 17.33
CA PHE D 189 16.06 -40.36 17.70
C PHE D 189 16.39 -41.74 18.27
N PRO D 190 15.78 -42.14 19.41
CA PRO D 190 16.11 -43.46 19.98
C PRO D 190 15.69 -44.63 19.10
N THR D 191 16.42 -45.74 19.25
CA THR D 191 16.15 -46.99 18.55
C THR D 191 14.95 -47.63 19.23
N LEU D 192 13.90 -47.90 18.45
CA LEU D 192 12.67 -48.52 18.97
C LEU D 192 12.17 -49.55 17.98
N ARG D 193 11.55 -50.63 18.49
CA ARG D 193 10.89 -51.63 17.67
C ARG D 193 9.62 -50.94 17.11
N ASN D 194 9.29 -51.20 15.83
CA ASN D 194 8.11 -50.61 15.14
C ASN D 194 6.84 -50.78 15.96
N SER D 195 5.95 -49.78 15.90
CA SER D 195 4.64 -49.75 16.57
C SER D 195 4.71 -50.08 18.07
N ARG D 196 5.68 -49.47 18.77
CA ARG D 196 5.93 -49.75 20.20
C ARG D 196 4.70 -49.45 21.09
N LEU D 197 4.04 -48.31 20.87
CA LEU D 197 2.85 -47.92 21.60
C LEU D 197 1.63 -48.84 21.29
N ARG D 198 1.49 -49.28 20.01
CA ARG D 198 0.43 -50.18 19.57
C ARG D 198 0.57 -51.55 20.25
N THR D 199 1.80 -52.09 20.27
CA THR D 199 2.08 -53.41 20.85
C THR D 199 1.94 -53.38 22.36
N LEU D 200 2.31 -52.26 23.02
CA LEU D 200 2.19 -52.10 24.47
C LEU D 200 0.73 -52.00 24.94
N ILE D 201 -0.13 -51.27 24.20
CA ILE D 201 -1.54 -51.11 24.53
C ILE D 201 -2.34 -52.39 24.20
N ASN D 202 -1.93 -53.15 23.16
CA ASN D 202 -2.56 -54.41 22.76
C ASN D 202 -2.37 -55.50 23.84
N GLN D 203 -1.17 -55.56 24.45
CA GLN D 203 -0.87 -56.53 25.50
C GLN D 203 -1.40 -56.08 26.88
N SER D 204 -1.55 -54.76 27.09
CA SER D 204 -2.04 -54.18 28.34
C SER D 204 -3.54 -53.91 28.23
N THR E 1 -31.72 10.86 -22.05
CA THR E 1 -30.26 10.74 -22.20
C THR E 1 -29.82 9.52 -21.42
N GLU E 2 -28.84 8.79 -21.93
CA GLU E 2 -28.37 7.58 -21.27
C GLU E 2 -26.88 7.51 -21.25
N LEU E 3 -26.32 6.99 -20.13
CA LEU E 3 -24.90 6.70 -20.00
C LEU E 3 -24.81 5.19 -20.30
N ARG E 4 -23.73 4.74 -20.93
CA ARG E 4 -23.65 3.32 -21.27
C ARG E 4 -22.30 2.79 -20.88
N LEU E 5 -22.24 1.49 -20.57
CA LEU E 5 -21.01 0.79 -20.22
C LEU E 5 -20.08 0.65 -21.44
N GLY E 6 -20.66 0.43 -22.61
CA GLY E 6 -19.98 0.21 -23.87
C GLY E 6 -18.94 1.25 -24.26
N LEU E 7 -18.11 0.90 -25.22
CA LEU E 7 -17.03 1.75 -25.68
C LEU E 7 -17.54 3.06 -26.29
N PRO E 8 -16.84 4.18 -25.99
CA PRO E 8 -17.31 5.49 -26.49
C PRO E 8 -17.45 5.53 -28.01
N GLY E 9 -18.61 5.99 -28.47
CA GLY E 9 -18.95 6.05 -29.89
C GLY E 9 -19.58 4.76 -30.40
N SER E 10 -19.99 3.88 -29.44
CA SER E 10 -20.65 2.57 -29.63
C SER E 10 -19.79 1.55 -30.32
N THR F 1 -30.98 -24.50 5.11
CA THR F 1 -29.67 -23.84 5.23
C THR F 1 -29.25 -23.24 3.88
N GLU F 2 -29.63 -21.97 3.64
CA GLU F 2 -29.37 -21.25 2.39
C GLU F 2 -28.26 -20.22 2.54
N LEU F 3 -27.63 -19.81 1.40
CA LEU F 3 -26.64 -18.75 1.40
C LEU F 3 -27.39 -17.41 1.24
N ARG F 4 -27.18 -16.51 2.19
CA ARG F 4 -27.82 -15.20 2.22
C ARG F 4 -26.89 -14.14 2.77
N LEU F 5 -27.18 -12.87 2.45
CA LEU F 5 -26.38 -11.72 2.90
C LEU F 5 -26.63 -11.42 4.38
N GLY F 6 -27.88 -11.55 4.80
CA GLY F 6 -28.34 -11.29 6.15
C GLY F 6 -27.56 -11.94 7.25
N LEU F 7 -27.52 -11.29 8.42
CA LEU F 7 -26.81 -11.72 9.61
C LEU F 7 -27.16 -13.17 10.03
N PRO F 8 -26.16 -13.97 10.52
CA PRO F 8 -26.44 -15.36 10.88
C PRO F 8 -27.56 -15.50 11.90
N GLY F 9 -28.64 -16.20 11.53
CA GLY F 9 -29.82 -16.39 12.37
C GLY F 9 -30.87 -15.31 12.18
N GLU G 2 28.50 23.25 4.03
CA GLU G 2 28.04 21.86 4.02
C GLU G 2 26.72 21.65 4.79
N LEU G 3 26.08 20.49 4.59
CA LEU G 3 24.78 20.11 5.18
C LEU G 3 24.92 19.52 6.58
N ARG G 4 23.81 19.52 7.38
CA ARG G 4 23.81 19.01 8.76
C ARG G 4 22.48 18.37 9.21
N LEU G 5 22.54 17.52 10.26
CA LEU G 5 21.39 16.84 10.87
C LEU G 5 20.99 17.53 12.18
N GLU H 2 28.80 -9.51 17.58
CA GLU H 2 30.07 -9.77 16.89
C GLU H 2 29.85 -10.77 15.72
N LEU H 3 28.92 -10.44 14.82
CA LEU H 3 28.54 -11.28 13.67
C LEU H 3 29.19 -10.81 12.34
N ARG H 4 28.74 -11.35 11.17
CA ARG H 4 29.31 -10.99 9.85
C ARG H 4 28.26 -10.67 8.78
N LEU H 5 28.60 -9.73 7.87
CA LEU H 5 27.78 -9.25 6.75
C LEU H 5 27.80 -10.19 5.52
N GLY H 6 28.92 -10.90 5.31
CA GLY H 6 29.07 -11.84 4.21
C GLY H 6 28.23 -13.10 4.33
#